data_2PVS
#
_entry.id   2PVS
#
_cell.length_a   216.181
_cell.length_b   216.181
_cell.length_c   123.672
_cell.angle_alpha   90.00
_cell.angle_beta   90.00
_cell.angle_gamma   90.00
#
_symmetry.space_group_name_H-M   'I 41 2 2'
#
loop_
_entity.id
_entity.type
_entity.pdbx_description
1 polymer 'Pancreatic lipase-related protein 2'
2 non-polymer 'SULFATE ION'
3 non-polymer 'CALCIUM ION'
4 water water
#
_entity_poly.entity_id   1
_entity_poly.type   'polypeptide(L)'
_entity_poly.pdbx_seq_one_letter_code
;KEVCYGQLGCFSDEKPWAGTLQRPVKLLPWSPEDIDTRFLLYTNENPNNFQLITGTEPDTIEASNFQLDRKTRFIIHGFL
DKAEDSWPSDMCKKMFEVEKVNCICVDWRHGSRAMYTQAVQNIRVVGAETAFLIQALSTQLGYSLEDVHVIGHSLGAHTA
AEAGRRLGGRVGRITGLDPAGPCFQDEPEEVRLDPSDAVFVDVIHTDSSPIVPSLGFGMSQKVGHLDFFPNGGKEMPGCK
KNVLSTITDIDGIWEGIGGFVSCNHLRSFEYYSSSVLNPDGFLGYPCASYDEFQESKCFPCPAEGCPKMGHYADQFKGKT
SAVEQTFFLNTGESGQFTSWRYKVSVTLSGKEKVNGYIRIALYGSNENSKQYEIFKGSLKPDASHTCAIDVDFNVGKIQK
VKFLWNKRGINLSEPKLGASQITVQSGEDGTEYNFCSSDTVEENVLQSLYPC
;
_entity_poly.pdbx_strand_id   A,B
#
loop_
_chem_comp.id
_chem_comp.type
_chem_comp.name
_chem_comp.formula
CA non-polymer 'CALCIUM ION' 'Ca 2'
SO4 non-polymer 'SULFATE ION' 'O4 S -2'
#
# COMPACT_ATOMS: atom_id res chain seq x y z
N LYS A 1 25.93 -10.45 5.65
CA LYS A 1 25.88 -9.59 6.85
C LYS A 1 24.82 -10.11 7.80
N GLU A 2 24.73 -9.46 8.95
CA GLU A 2 23.74 -9.85 9.95
C GLU A 2 23.71 -8.84 11.12
N VAL A 3 22.51 -8.74 11.67
CA VAL A 3 22.16 -7.87 12.81
C VAL A 3 21.61 -8.76 13.92
N CYS A 4 21.76 -8.23 15.12
CA CYS A 4 21.12 -8.92 16.22
C CYS A 4 20.27 -7.98 17.00
N TYR A 5 19.25 -8.55 17.60
CA TYR A 5 18.27 -7.79 18.32
C TYR A 5 17.92 -8.55 19.60
N GLY A 6 18.90 -8.65 20.49
CA GLY A 6 18.67 -9.16 21.84
C GLY A 6 17.97 -10.49 21.87
N GLN A 7 17.01 -10.66 22.77
CA GLN A 7 16.29 -11.92 22.96
C GLN A 7 15.73 -12.55 21.67
N LEU A 8 15.67 -11.76 20.60
CA LEU A 8 15.16 -12.23 19.29
C LEU A 8 16.25 -12.86 18.41
N GLY A 9 17.51 -12.73 18.80
CA GLY A 9 18.59 -13.38 18.08
C GLY A 9 19.09 -12.56 16.91
N CYS A 10 19.68 -13.25 15.94
CA CYS A 10 20.24 -12.57 14.77
C CYS A 10 19.58 -12.99 13.48
N PHE A 11 19.82 -12.16 12.47
CA PHE A 11 19.19 -12.29 11.17
C PHE A 11 20.24 -12.03 10.15
N SER A 12 20.64 -13.07 9.41
CA SER A 12 21.62 -12.85 8.36
C SER A 12 20.89 -12.65 7.03
N ASP A 13 21.60 -12.08 6.05
CA ASP A 13 21.05 -11.84 4.74
C ASP A 13 21.51 -12.92 3.76
N GLU A 14 21.94 -14.07 4.29
CA GLU A 14 22.42 -15.15 3.45
C GLU A 14 21.28 -15.90 2.76
N LYS A 15 21.55 -16.39 1.56
CA LYS A 15 20.57 -17.24 0.88
C LYS A 15 20.12 -18.30 1.89
N PRO A 16 18.81 -18.55 1.98
CA PRO A 16 17.72 -18.15 1.11
C PRO A 16 17.00 -16.85 1.48
N TRP A 17 17.43 -16.16 2.52
CA TRP A 17 16.71 -15.00 3.02
C TRP A 17 16.76 -13.80 2.09
N ALA A 18 17.91 -13.60 1.45
CA ALA A 18 18.10 -12.50 0.51
C ALA A 18 19.18 -12.89 -0.52
N GLY A 19 19.34 -12.07 -1.56
CA GLY A 19 20.21 -12.39 -2.68
C GLY A 19 19.81 -13.63 -3.46
N THR A 20 18.51 -13.89 -3.56
CA THR A 20 17.96 -14.96 -4.40
C THR A 20 17.17 -14.33 -5.54
N LEU A 21 16.79 -15.11 -6.57
CA LEU A 21 15.98 -14.56 -7.67
C LEU A 21 14.90 -13.62 -7.16
N GLN A 22 14.03 -14.16 -6.31
CA GLN A 22 12.88 -13.39 -5.88
C GLN A 22 13.23 -12.35 -4.81
N ARG A 23 14.38 -12.53 -4.15
CA ARG A 23 14.81 -11.60 -3.14
C ARG A 23 16.19 -11.09 -3.54
N PRO A 24 16.30 -10.36 -4.66
CA PRO A 24 17.61 -10.09 -5.27
C PRO A 24 18.49 -9.10 -4.50
N VAL A 25 17.90 -8.04 -3.96
CA VAL A 25 18.67 -7.17 -3.10
C VAL A 25 18.96 -7.85 -1.75
N LYS A 26 20.13 -7.58 -1.18
CA LYS A 26 20.47 -8.16 0.12
C LYS A 26 19.99 -7.24 1.25
N LEU A 27 18.81 -7.54 1.77
CA LEU A 27 18.21 -6.74 2.85
C LEU A 27 18.22 -7.45 4.20
N LEU A 28 17.96 -6.69 5.25
CA LEU A 28 17.83 -7.20 6.61
C LEU A 28 16.69 -6.52 7.34
N PRO A 29 16.02 -7.24 8.26
CA PRO A 29 14.90 -6.62 8.96
C PRO A 29 15.27 -5.40 9.78
N TRP A 30 14.36 -4.44 9.81
CA TRP A 30 14.44 -3.27 10.69
C TRP A 30 14.46 -3.67 12.17
N SER A 31 14.79 -2.68 13.00
CA SER A 31 14.85 -2.92 14.43
C SER A 31 13.44 -3.16 14.94
N PRO A 32 13.31 -3.94 16.03
CA PRO A 32 12.01 -4.17 16.62
C PRO A 32 11.31 -2.87 17.01
N GLU A 33 12.09 -1.89 17.47
CA GLU A 33 11.53 -0.60 17.85
C GLU A 33 10.88 0.05 16.63
N ASP A 34 11.56 -0.02 15.49
CA ASP A 34 10.99 0.50 14.25
C ASP A 34 9.77 -0.28 13.76
N ILE A 35 9.84 -1.61 13.72
CA ILE A 35 8.68 -2.44 13.34
C ILE A 35 7.50 -2.18 14.32
N ASP A 36 7.87 -1.90 15.58
CA ASP A 36 6.93 -1.52 16.66
C ASP A 36 5.80 -2.55 16.85
N THR A 37 6.12 -3.84 16.74
CA THR A 37 5.16 -4.93 16.99
C THR A 37 4.37 -4.74 18.29
N ARG A 38 3.09 -5.14 18.26
CA ARG A 38 2.20 -5.02 19.40
C ARG A 38 1.23 -6.19 19.48
N PHE A 39 0.94 -6.62 20.70
CA PHE A 39 0.05 -7.73 20.94
C PHE A 39 -1.18 -7.16 21.58
N LEU A 40 -2.27 -7.12 20.82
CA LEU A 40 -3.49 -6.48 21.25
C LEU A 40 -4.44 -7.59 21.69
N LEU A 41 -4.64 -7.72 23.00
CA LEU A 41 -5.48 -8.79 23.54
C LEU A 41 -6.93 -8.36 23.60
N TYR A 42 -7.79 -9.21 23.04
CA TYR A 42 -9.22 -9.08 23.18
C TYR A 42 -9.74 -10.33 23.88
N THR A 43 -10.68 -10.16 24.80
CA THR A 43 -11.38 -11.32 25.36
C THR A 43 -12.89 -11.08 25.32
N ASN A 44 -13.68 -12.03 25.82
CA ASN A 44 -15.13 -11.87 25.86
C ASN A 44 -15.50 -10.75 26.81
N GLU A 45 -14.63 -10.51 27.80
CA GLU A 45 -14.79 -9.43 28.77
C GLU A 45 -14.24 -8.09 28.27
N ASN A 46 -13.31 -8.11 27.30
CA ASN A 46 -12.96 -6.88 26.57
C ASN A 46 -12.90 -7.16 25.08
N PRO A 47 -14.09 -7.33 24.45
CA PRO A 47 -14.26 -7.68 23.04
C PRO A 47 -14.07 -6.53 22.08
N ASN A 48 -14.29 -5.31 22.57
CA ASN A 48 -14.28 -4.11 21.74
C ASN A 48 -12.99 -3.32 21.84
N ASN A 49 -12.41 -3.24 23.05
CA ASN A 49 -11.12 -2.55 23.26
C ASN A 49 -10.01 -3.47 23.74
N PHE A 50 -8.85 -3.34 23.10
CA PHE A 50 -7.74 -4.22 23.40
C PHE A 50 -7.13 -3.93 24.77
N GLN A 51 -6.50 -4.95 25.34
CA GLN A 51 -5.53 -4.78 26.40
C GLN A 51 -4.19 -5.16 25.81
N LEU A 52 -3.19 -4.37 26.14
CA LEU A 52 -1.87 -4.46 25.53
C LEU A 52 -0.95 -5.34 26.37
N ILE A 53 -0.85 -6.62 26.02
CA ILE A 53 0.08 -7.53 26.69
C ILE A 53 1.45 -7.54 26.02
N THR A 54 2.46 -7.93 26.79
CA THR A 54 3.81 -8.11 26.29
C THR A 54 4.45 -9.29 27.05
N GLY A 55 5.46 -9.90 26.42
CA GLY A 55 6.16 -11.05 27.01
C GLY A 55 7.26 -10.65 27.99
N THR A 56 7.96 -9.56 27.69
CA THR A 56 9.03 -9.07 28.57
C THR A 56 8.56 -8.62 29.96
N GLU A 57 7.34 -8.13 30.11
CA GLU A 57 6.77 -7.91 31.45
C GLU A 57 5.52 -8.80 31.58
N PRO A 58 5.70 -10.03 32.08
CA PRO A 58 4.61 -11.01 32.08
C PRO A 58 3.57 -10.71 33.17
N ASP A 59 3.83 -9.67 33.96
CA ASP A 59 2.81 -9.09 34.83
C ASP A 59 1.68 -8.49 34.01
N THR A 60 1.99 -7.96 32.83
CA THR A 60 0.97 -7.40 31.92
C THR A 60 -0.04 -8.49 31.51
N ILE A 61 0.46 -9.70 31.26
CA ILE A 61 -0.39 -10.86 30.97
C ILE A 61 -1.34 -11.11 32.14
N GLU A 62 -0.76 -11.25 33.33
CA GLU A 62 -1.49 -11.60 34.54
C GLU A 62 -2.66 -10.63 34.77
N ALA A 63 -2.33 -9.34 34.83
CA ALA A 63 -3.32 -8.28 35.05
C ALA A 63 -4.26 -8.02 33.87
N SER A 64 -4.03 -8.70 32.74
CA SER A 64 -4.98 -8.68 31.63
C SER A 64 -6.08 -9.70 31.87
N ASN A 65 -7.13 -9.62 31.07
CA ASN A 65 -8.21 -10.59 31.09
C ASN A 65 -7.81 -11.97 30.58
N PHE A 66 -6.56 -12.15 30.18
CA PHE A 66 -6.12 -13.44 29.62
C PHE A 66 -6.49 -14.57 30.59
N GLN A 67 -7.19 -15.58 30.09
CA GLN A 67 -7.49 -16.79 30.86
C GLN A 67 -6.51 -17.88 30.47
N LEU A 68 -5.93 -18.57 31.47
CA LEU A 68 -5.13 -19.77 31.16
C LEU A 68 -6.07 -20.87 30.65
N ASP A 69 -7.30 -20.89 31.16
CA ASP A 69 -8.22 -21.98 30.88
C ASP A 69 -8.92 -21.91 29.51
N ARG A 70 -8.63 -20.90 28.70
CA ARG A 70 -9.24 -20.78 27.37
C ARG A 70 -8.24 -20.86 26.24
N LYS A 71 -8.73 -21.25 25.08
CA LYS A 71 -7.93 -21.27 23.85
C LYS A 71 -7.35 -19.91 23.55
N THR A 72 -6.28 -19.88 22.78
CA THR A 72 -5.66 -18.62 22.40
C THR A 72 -5.38 -18.63 20.92
N ARG A 73 -5.85 -17.60 20.24
CA ARG A 73 -5.63 -17.45 18.79
C ARG A 73 -4.98 -16.11 18.51
N PHE A 74 -3.99 -16.15 17.63
CA PHE A 74 -3.33 -14.95 17.15
C PHE A 74 -3.87 -14.67 15.76
N ILE A 75 -3.90 -13.40 15.39
CA ILE A 75 -4.29 -13.04 14.05
C ILE A 75 -3.26 -12.05 13.54
N ILE A 76 -2.65 -12.39 12.41
CA ILE A 76 -1.57 -11.57 11.87
C ILE A 76 -1.92 -10.97 10.50
N HIS A 77 -2.01 -9.66 10.47
CA HIS A 77 -2.25 -8.94 9.24
C HIS A 77 -0.97 -8.99 8.44
N GLY A 78 -1.05 -8.63 7.18
CA GLY A 78 0.08 -8.64 6.27
C GLY A 78 0.41 -7.23 5.80
N PHE A 79 0.94 -7.16 4.58
CA PHE A 79 1.49 -5.93 4.04
C PHE A 79 0.57 -4.72 4.11
N LEU A 80 1.16 -3.55 4.33
CA LEU A 80 0.43 -2.26 4.45
C LEU A 80 -0.97 -2.42 5.07
N ASP A 81 -1.02 -2.75 6.35
CA ASP A 81 -2.30 -3.04 7.00
C ASP A 81 -2.17 -2.82 8.51
N LYS A 82 -3.22 -3.12 9.26
CA LYS A 82 -3.16 -3.03 10.72
C LYS A 82 -4.18 -3.96 11.37
N ALA A 83 -4.20 -4.00 12.69
CA ALA A 83 -5.08 -4.90 13.44
C ALA A 83 -6.21 -4.13 14.08
N GLU A 84 -5.80 -3.08 14.80
CA GLU A 84 -6.72 -2.20 15.51
C GLU A 84 -7.73 -1.65 14.52
N ASP A 85 -9.02 -1.83 14.83
CA ASP A 85 -10.11 -1.36 13.97
C ASP A 85 -9.90 -1.77 12.51
N SER A 86 -9.73 -3.06 12.26
CA SER A 86 -9.85 -3.63 10.92
C SER A 86 -10.16 -5.11 11.02
N TRP A 87 -10.01 -5.86 9.93
CA TRP A 87 -10.54 -7.24 9.87
C TRP A 87 -10.07 -8.21 10.97
N PRO A 88 -8.81 -8.06 11.46
CA PRO A 88 -8.46 -8.89 12.60
C PRO A 88 -9.33 -8.61 13.80
N SER A 89 -9.43 -7.35 14.20
CA SER A 89 -10.15 -7.00 15.41
C SER A 89 -11.63 -7.36 15.27
N ASP A 90 -12.22 -7.21 14.08
CA ASP A 90 -13.62 -7.66 13.91
C ASP A 90 -13.70 -9.19 13.97
N MET A 91 -12.70 -9.87 13.41
CA MET A 91 -12.69 -11.33 13.49
C MET A 91 -12.69 -11.81 14.94
N CYS A 92 -12.10 -11.04 15.84
CA CYS A 92 -12.19 -11.41 17.22
C CYS A 92 -13.63 -11.37 17.67
N LYS A 93 -14.32 -10.25 17.42
CA LYS A 93 -15.70 -10.10 17.90
C LYS A 93 -16.58 -11.28 17.43
N LYS A 94 -16.47 -11.61 16.14
CA LYS A 94 -17.17 -12.76 15.58
C LYS A 94 -16.97 -14.00 16.44
N MET A 95 -15.70 -14.29 16.75
CA MET A 95 -15.33 -15.46 17.54
C MET A 95 -15.99 -15.41 18.90
N PHE A 96 -16.01 -14.24 19.51
CA PHE A 96 -16.62 -14.06 20.83
C PHE A 96 -18.11 -14.39 20.89
N GLU A 97 -18.76 -14.55 19.74
CA GLU A 97 -20.17 -14.94 19.72
C GLU A 97 -20.34 -16.45 19.88
N VAL A 98 -19.37 -17.19 19.36
CA VAL A 98 -19.46 -18.65 19.33
C VAL A 98 -18.53 -19.37 20.34
N GLU A 99 -17.61 -18.68 21.00
CA GLU A 99 -16.69 -19.35 21.92
C GLU A 99 -15.90 -18.44 22.85
N LYS A 100 -15.34 -19.06 23.88
CA LYS A 100 -14.50 -18.38 24.88
C LYS A 100 -13.01 -18.41 24.48
N VAL A 101 -12.46 -17.28 24.05
CA VAL A 101 -11.14 -17.28 23.44
C VAL A 101 -10.26 -16.13 23.93
N ASN A 102 -8.95 -16.33 23.84
CA ASN A 102 -7.96 -15.28 24.05
C ASN A 102 -7.49 -14.87 22.67
N CYS A 103 -8.06 -13.78 22.17
CA CYS A 103 -7.81 -13.30 20.83
C CYS A 103 -6.66 -12.31 20.89
N ILE A 104 -5.48 -12.67 20.42
CA ILE A 104 -4.35 -11.74 20.40
C ILE A 104 -4.06 -11.33 18.96
N CYS A 105 -4.06 -10.02 18.71
CA CYS A 105 -3.87 -9.50 17.37
C CYS A 105 -2.50 -8.89 17.24
N VAL A 106 -1.63 -9.53 16.50
CA VAL A 106 -0.29 -9.00 16.32
C VAL A 106 -0.41 -7.81 15.37
N ASP A 107 -0.05 -6.63 15.86
CA ASP A 107 -0.14 -5.41 15.08
C ASP A 107 1.23 -4.86 14.82
N TRP A 108 1.64 -4.94 13.56
CA TRP A 108 2.92 -4.44 13.14
C TRP A 108 2.79 -3.41 11.99
N ARG A 109 1.80 -2.54 12.11
CA ARG A 109 1.48 -1.62 11.00
C ARG A 109 2.72 -0.92 10.45
N HIS A 110 3.58 -0.46 11.35
CA HIS A 110 4.72 0.36 10.97
C HIS A 110 5.72 -0.45 10.17
N GLY A 111 5.84 -1.71 10.56
CA GLY A 111 6.76 -2.63 9.93
C GLY A 111 6.23 -3.13 8.61
N SER A 112 4.93 -2.97 8.36
CA SER A 112 4.35 -3.35 7.07
C SER A 112 4.24 -2.16 6.13
N ARG A 113 4.46 -0.96 6.64
CA ARG A 113 4.58 0.23 5.80
C ARG A 113 6.01 0.41 5.37
N ALA A 114 6.33 -0.18 4.22
CA ALA A 114 7.66 -0.09 3.66
C ALA A 114 7.59 -0.84 2.35
N MET A 115 8.71 -0.83 1.63
CA MET A 115 8.79 -1.53 0.36
C MET A 115 8.56 -2.99 0.58
N TYR A 116 7.92 -3.68 -0.36
CA TYR A 116 7.54 -5.08 -0.14
C TYR A 116 8.69 -6.00 0.29
N THR A 117 9.79 -5.95 -0.45
CA THR A 117 10.95 -6.73 -0.11
C THR A 117 11.51 -6.38 1.27
N GLN A 118 11.37 -5.12 1.70
CA GLN A 118 11.79 -4.76 3.05
C GLN A 118 10.81 -5.36 4.07
N ALA A 119 9.53 -5.40 3.74
CA ALA A 119 8.54 -6.00 4.62
C ALA A 119 8.74 -7.54 4.74
N VAL A 120 9.07 -8.18 3.60
CA VAL A 120 9.45 -9.59 3.55
C VAL A 120 10.58 -9.92 4.56
N GLN A 121 11.42 -8.92 4.85
CA GLN A 121 12.38 -9.04 5.93
C GLN A 121 11.76 -8.80 7.33
N ASN A 122 11.08 -7.69 7.53
CA ASN A 122 10.50 -7.34 8.82
C ASN A 122 9.63 -8.46 9.39
N ILE A 123 8.98 -9.16 8.46
CA ILE A 123 8.20 -10.37 8.73
C ILE A 123 8.93 -11.23 9.78
N ARG A 124 10.25 -11.27 9.69
CA ARG A 124 11.07 -12.18 10.50
C ARG A 124 11.14 -11.77 11.99
N VAL A 125 11.48 -10.51 12.26
CA VAL A 125 11.37 -9.97 13.62
C VAL A 125 9.94 -10.14 14.13
N VAL A 126 8.96 -9.82 13.30
CA VAL A 126 7.58 -9.91 13.76
C VAL A 126 7.33 -11.36 14.22
N GLY A 127 7.85 -12.31 13.45
CA GLY A 127 7.74 -13.72 13.81
C GLY A 127 8.43 -14.05 15.13
N ALA A 128 9.68 -13.62 15.26
CA ALA A 128 10.46 -13.77 16.49
C ALA A 128 9.69 -13.28 17.70
N GLU A 129 9.17 -12.06 17.60
CA GLU A 129 8.49 -11.45 18.70
C GLU A 129 7.24 -12.21 19.09
N THR A 130 6.56 -12.78 18.12
CA THR A 130 5.36 -13.57 18.43
C THR A 130 5.79 -14.87 19.10
N ALA A 131 6.79 -15.53 18.51
CA ALA A 131 7.33 -16.77 19.07
C ALA A 131 7.78 -16.57 20.52
N PHE A 132 8.31 -15.38 20.83
CA PHE A 132 8.74 -15.07 22.18
C PHE A 132 7.56 -15.04 23.14
N LEU A 133 6.54 -14.28 22.79
CA LEU A 133 5.36 -14.15 23.61
C LEU A 133 4.69 -15.52 23.83
N ILE A 134 4.68 -16.36 22.81
CA ILE A 134 4.06 -17.69 22.94
C ILE A 134 4.82 -18.47 23.99
N GLN A 135 6.13 -18.58 23.82
CA GLN A 135 6.99 -19.12 24.88
C GLN A 135 6.68 -18.48 26.22
N ALA A 136 6.64 -17.16 26.26
CA ALA A 136 6.34 -16.43 27.52
C ALA A 136 5.15 -17.07 28.22
N LEU A 137 4.05 -17.20 27.48
CA LEU A 137 2.86 -17.87 28.01
C LEU A 137 3.14 -19.30 28.47
N SER A 138 4.06 -19.99 27.80
CA SER A 138 4.40 -21.35 28.18
C SER A 138 5.28 -21.42 29.43
N THR A 139 6.46 -20.78 29.41
CA THR A 139 7.37 -20.84 30.57
C THR A 139 6.78 -20.14 31.78
N GLN A 140 6.25 -18.95 31.58
CA GLN A 140 5.87 -18.05 32.67
C GLN A 140 4.47 -18.35 33.26
N LEU A 141 3.60 -19.00 32.48
CA LEU A 141 2.21 -19.33 32.92
C LEU A 141 1.84 -20.82 32.84
N GLY A 142 2.71 -21.63 32.24
CA GLY A 142 2.40 -23.04 32.03
C GLY A 142 1.32 -23.24 30.97
N TYR A 143 1.27 -22.37 29.97
CA TYR A 143 0.32 -22.52 28.85
C TYR A 143 0.88 -23.46 27.79
N SER A 144 0.02 -24.26 27.20
CA SER A 144 0.44 -25.29 26.26
C SER A 144 0.43 -24.81 24.78
N LEU A 145 1.53 -25.06 24.06
CA LEU A 145 1.67 -24.65 22.64
C LEU A 145 0.64 -25.32 21.75
N GLU A 146 0.35 -26.59 22.05
CA GLU A 146 -0.67 -27.36 21.34
C GLU A 146 -2.00 -26.93 21.93
N ASP A 147 -2.46 -25.74 21.56
CA ASP A 147 -3.54 -24.97 22.24
C ASP A 147 -3.54 -23.49 21.80
N VAL A 148 -2.43 -23.10 21.17
CA VAL A 148 -2.30 -21.84 20.45
C VAL A 148 -2.61 -22.06 18.94
N HIS A 149 -3.40 -21.16 18.37
CA HIS A 149 -3.71 -21.08 16.93
C HIS A 149 -3.18 -19.75 16.44
N VAL A 150 -2.39 -19.75 15.37
CA VAL A 150 -1.90 -18.51 14.78
C VAL A 150 -2.48 -18.35 13.37
N ILE A 151 -3.31 -17.32 13.18
CA ILE A 151 -3.92 -17.01 11.87
C ILE A 151 -3.22 -15.86 11.19
N GLY A 152 -2.91 -16.03 9.91
CA GLY A 152 -2.13 -15.07 9.16
C GLY A 152 -2.69 -14.81 7.77
N HIS A 153 -2.87 -13.54 7.45
CA HIS A 153 -3.23 -13.14 6.10
C HIS A 153 -2.00 -12.68 5.30
N SER A 154 -1.86 -13.19 4.08
CA SER A 154 -0.80 -12.73 3.15
C SER A 154 0.61 -12.92 3.77
N LEU A 155 1.37 -11.84 3.95
CA LEU A 155 2.65 -11.89 4.65
C LEU A 155 2.45 -12.45 6.05
N GLY A 156 1.44 -11.95 6.74
CA GLY A 156 1.05 -12.49 8.03
C GLY A 156 0.99 -14.00 8.08
N ALA A 157 0.65 -14.65 6.95
CA ALA A 157 0.66 -16.11 6.89
C ALA A 157 2.08 -16.62 7.11
N HIS A 158 3.01 -16.07 6.33
CA HIS A 158 4.41 -16.41 6.47
C HIS A 158 4.99 -15.94 7.80
N THR A 159 4.42 -14.88 8.37
CA THR A 159 4.79 -14.42 9.70
C THR A 159 4.38 -15.47 10.76
N ALA A 160 3.15 -15.98 10.66
CA ALA A 160 2.76 -17.13 11.45
C ALA A 160 3.78 -18.24 11.27
N ALA A 161 4.14 -18.52 10.02
CA ALA A 161 4.99 -19.68 9.71
C ALA A 161 6.38 -19.54 10.28
N GLU A 162 6.78 -18.29 10.50
CA GLU A 162 8.10 -17.98 11.05
C GLU A 162 8.09 -18.27 12.53
N ALA A 163 7.07 -17.75 13.22
CA ALA A 163 6.89 -18.01 14.64
C ALA A 163 6.71 -19.51 14.90
N GLY A 164 5.96 -20.18 14.03
CA GLY A 164 5.76 -21.62 14.18
C GLY A 164 7.05 -22.40 14.12
N ARG A 165 7.90 -22.02 13.17
CA ARG A 165 9.20 -22.63 13.00
C ARG A 165 10.15 -22.31 14.15
N ARG A 166 10.13 -21.07 14.64
CA ARG A 166 10.82 -20.69 15.89
C ARG A 166 10.46 -21.61 17.04
N LEU A 167 9.19 -22.03 17.11
CA LEU A 167 8.71 -22.92 18.16
C LEU A 167 8.88 -24.39 17.78
N GLY A 168 9.64 -24.65 16.72
CA GLY A 168 9.87 -26.00 16.24
C GLY A 168 8.63 -26.82 16.01
N GLY A 169 7.59 -26.23 15.42
CA GLY A 169 6.36 -26.95 15.03
C GLY A 169 5.41 -27.37 16.14
N ARG A 170 5.71 -26.90 17.36
CA ARG A 170 4.97 -27.20 18.61
C ARG A 170 3.62 -26.47 18.73
N VAL A 171 3.56 -25.28 18.12
CA VAL A 171 2.32 -24.53 17.94
C VAL A 171 1.29 -25.45 17.22
N GLY A 172 0.12 -25.57 17.82
CA GLY A 172 -0.87 -26.58 17.47
C GLY A 172 -1.57 -26.36 16.15
N ARG A 173 -1.75 -25.10 15.77
CA ARG A 173 -2.35 -24.82 14.46
C ARG A 173 -1.89 -23.50 13.82
N ILE A 174 -1.58 -23.54 12.54
CA ILE A 174 -1.45 -22.32 11.76
C ILE A 174 -2.51 -22.35 10.66
N THR A 175 -3.25 -21.24 10.49
CA THR A 175 -4.13 -21.04 9.34
C THR A 175 -3.57 -19.93 8.46
N GLY A 176 -3.24 -20.29 7.23
CA GLY A 176 -2.75 -19.34 6.23
C GLY A 176 -3.83 -18.91 5.26
N LEU A 177 -4.20 -17.63 5.38
CA LEU A 177 -5.26 -17.01 4.57
C LEU A 177 -4.64 -16.32 3.36
N ASP A 178 -4.69 -17.02 2.23
CA ASP A 178 -4.05 -16.62 0.99
C ASP A 178 -2.66 -16.08 1.21
N PRO A 179 -1.72 -16.96 1.55
CA PRO A 179 -0.33 -16.56 1.79
C PRO A 179 0.30 -15.87 0.59
N ALA A 180 1.01 -14.76 0.83
CA ALA A 180 1.66 -14.03 -0.24
C ALA A 180 2.51 -14.97 -1.09
N GLY A 181 2.41 -14.86 -2.41
CA GLY A 181 3.25 -15.63 -3.31
C GLY A 181 4.57 -14.97 -3.64
N PRO A 182 4.56 -13.67 -4.00
CA PRO A 182 5.80 -12.96 -4.27
C PRO A 182 6.75 -12.99 -3.08
N CYS A 183 7.92 -13.55 -3.34
CA CYS A 183 9.01 -13.72 -2.40
C CYS A 183 8.97 -15.03 -1.68
N PHE A 184 7.87 -15.77 -1.78
CA PHE A 184 7.75 -17.00 -1.03
C PHE A 184 7.46 -18.21 -1.87
N GLN A 185 6.65 -18.06 -2.91
CA GLN A 185 6.27 -19.18 -3.73
C GLN A 185 7.51 -19.87 -4.24
N ASP A 186 7.51 -21.19 -4.13
CA ASP A 186 8.60 -22.05 -4.63
C ASP A 186 9.98 -21.73 -4.03
N GLU A 187 9.96 -21.23 -2.80
CA GLU A 187 11.14 -20.95 -2.05
C GLU A 187 11.33 -22.07 -1.04
N PRO A 188 12.51 -22.15 -0.41
CA PRO A 188 12.78 -23.14 0.59
C PRO A 188 11.87 -23.04 1.79
N GLU A 189 11.55 -24.17 2.40
CA GLU A 189 10.62 -24.23 3.53
C GLU A 189 10.93 -23.29 4.71
N GLU A 190 12.19 -22.93 4.89
CA GLU A 190 12.60 -22.16 6.06
C GLU A 190 12.01 -20.74 6.01
N VAL A 191 11.86 -20.24 4.78
CA VAL A 191 11.47 -18.84 4.56
C VAL A 191 9.97 -18.64 4.33
N ARG A 192 9.19 -19.71 4.47
CA ARG A 192 7.76 -19.67 4.14
C ARG A 192 6.92 -20.69 4.90
N LEU A 193 5.60 -20.56 4.77
CA LEU A 193 4.67 -21.50 5.39
C LEU A 193 4.76 -22.85 4.73
N ASP A 194 4.70 -23.89 5.54
CA ASP A 194 4.76 -25.25 5.04
C ASP A 194 4.32 -26.17 6.16
N PRO A 195 3.83 -27.36 5.82
CA PRO A 195 3.16 -28.14 6.84
C PRO A 195 4.01 -28.42 8.09
N SER A 196 5.34 -28.28 7.96
CA SER A 196 6.24 -28.48 9.08
C SER A 196 6.02 -27.49 10.21
N ASP A 197 5.43 -26.33 9.94
CA ASP A 197 5.50 -25.21 10.88
C ASP A 197 4.51 -25.27 12.06
N ALA A 198 3.59 -26.24 12.05
CA ALA A 198 2.66 -26.44 13.16
C ALA A 198 2.16 -27.86 13.14
N VAL A 199 1.53 -28.26 14.24
CA VAL A 199 1.02 -29.62 14.36
C VAL A 199 -0.06 -29.79 13.28
N PHE A 200 -0.86 -28.75 13.07
CA PHE A 200 -1.87 -28.67 11.99
C PHE A 200 -1.80 -27.32 11.23
N VAL A 201 -1.55 -27.38 9.92
CA VAL A 201 -1.58 -26.20 9.03
C VAL A 201 -2.70 -26.32 7.98
N ASP A 202 -3.63 -25.36 7.99
CA ASP A 202 -4.70 -25.24 6.97
C ASP A 202 -4.55 -23.93 6.20
N VAL A 203 -4.68 -24.00 4.87
CA VAL A 203 -4.55 -22.82 4.01
C VAL A 203 -5.83 -22.56 3.19
N ILE A 204 -6.22 -21.30 3.08
CA ILE A 204 -7.29 -20.91 2.15
C ILE A 204 -6.72 -20.11 0.97
N HIS A 205 -6.78 -20.69 -0.22
CA HIS A 205 -6.29 -20.03 -1.43
C HIS A 205 -7.40 -19.28 -2.18
N THR A 206 -7.25 -17.96 -2.27
CA THR A 206 -8.25 -17.15 -2.95
C THR A 206 -7.76 -16.24 -4.09
N ASP A 207 -6.46 -15.94 -4.17
CA ASP A 207 -5.96 -15.08 -5.26
C ASP A 207 -4.73 -15.68 -5.87
N SER A 208 -4.78 -16.98 -6.17
CA SER A 208 -3.54 -17.71 -6.45
C SER A 208 -2.99 -17.51 -7.85
N SER A 209 -1.68 -17.37 -7.98
CA SER A 209 -1.03 -17.35 -9.28
C SER A 209 0.37 -17.94 -9.23
N PRO A 210 0.97 -18.26 -10.40
CA PRO A 210 2.38 -18.60 -10.50
C PRO A 210 3.18 -17.33 -10.37
N ILE A 211 4.51 -17.39 -10.33
CA ILE A 211 5.27 -16.14 -10.19
C ILE A 211 5.29 -15.32 -11.48
N VAL A 212 5.44 -16.00 -12.62
CA VAL A 212 5.26 -15.36 -13.95
C VAL A 212 4.45 -16.26 -14.85
N PRO A 213 3.32 -15.76 -15.41
CA PRO A 213 2.76 -14.42 -15.35
C PRO A 213 2.18 -14.14 -14.00
N SER A 214 2.15 -12.87 -13.62
CA SER A 214 1.64 -12.48 -12.32
C SER A 214 0.15 -12.19 -12.40
N LEU A 215 -0.67 -13.18 -12.05
CA LEU A 215 -2.13 -13.08 -12.14
C LEU A 215 -2.79 -12.76 -10.79
N GLY A 216 -2.00 -12.41 -9.78
CA GLY A 216 -2.58 -12.29 -8.44
C GLY A 216 -1.50 -12.41 -7.39
N PHE A 217 -1.90 -12.29 -6.14
CA PHE A 217 -0.95 -12.10 -5.07
C PHE A 217 -0.76 -13.32 -4.20
N GLY A 218 -1.66 -14.30 -4.30
CA GLY A 218 -1.55 -15.55 -3.54
C GLY A 218 -0.68 -16.64 -4.15
N MET A 219 -0.68 -17.80 -3.52
CA MET A 219 0.23 -18.90 -3.90
C MET A 219 -0.57 -19.95 -4.61
N SER A 220 -0.05 -20.45 -5.72
CA SER A 220 -0.66 -21.60 -6.36
C SER A 220 -0.25 -22.84 -5.59
N GLN A 221 0.99 -22.83 -5.10
CA GLN A 221 1.64 -23.94 -4.36
C GLN A 221 0.89 -24.35 -3.11
N LYS A 222 0.69 -25.66 -2.94
CA LYS A 222 0.06 -26.20 -1.74
C LYS A 222 1.09 -26.26 -0.60
N VAL A 223 0.71 -25.75 0.57
CA VAL A 223 1.64 -25.56 1.68
C VAL A 223 1.02 -25.86 3.06
N GLY A 224 0.08 -26.79 3.12
CA GLY A 224 -0.55 -27.19 4.40
C GLY A 224 -0.91 -28.67 4.41
N HIS A 225 -1.54 -29.12 5.47
CA HIS A 225 -2.10 -30.46 5.48
C HIS A 225 -3.33 -30.45 4.61
N LEU A 226 -4.17 -29.45 4.85
CA LEU A 226 -5.31 -29.16 4.00
C LEU A 226 -5.04 -27.88 3.21
N ASP A 227 -5.22 -27.95 1.90
CA ASP A 227 -5.22 -26.78 1.02
C ASP A 227 -6.56 -26.64 0.32
N PHE A 228 -7.33 -25.65 0.74
CA PHE A 228 -8.64 -25.34 0.17
C PHE A 228 -8.52 -24.30 -0.94
N PHE A 229 -9.18 -24.54 -2.06
CA PHE A 229 -9.20 -23.62 -3.18
C PHE A 229 -10.64 -23.23 -3.50
N PRO A 230 -11.26 -22.37 -2.67
CA PRO A 230 -12.63 -21.96 -2.96
C PRO A 230 -12.74 -21.32 -4.33
N ASN A 231 -13.74 -21.80 -5.08
CA ASN A 231 -14.02 -21.30 -6.40
C ASN A 231 -12.84 -21.47 -7.34
N GLY A 232 -12.05 -22.52 -7.13
CA GLY A 232 -10.94 -22.85 -8.03
C GLY A 232 -9.61 -22.25 -7.65
N GLY A 233 -9.62 -21.24 -6.78
CA GLY A 233 -8.43 -20.69 -6.19
C GLY A 233 -8.06 -19.34 -6.72
N LYS A 234 -8.30 -19.13 -8.01
CA LYS A 234 -7.80 -17.94 -8.75
C LYS A 234 -8.71 -16.70 -8.73
N GLU A 235 -10.03 -16.90 -8.84
CA GLU A 235 -10.96 -15.78 -9.00
C GLU A 235 -12.30 -16.06 -8.37
N MET A 236 -12.66 -15.24 -7.40
CA MET A 236 -13.80 -15.50 -6.57
C MET A 236 -14.98 -14.76 -7.15
N PRO A 237 -16.18 -15.33 -6.97
CA PRO A 237 -17.39 -14.70 -7.43
C PRO A 237 -17.65 -13.45 -6.63
N GLY A 238 -17.93 -12.36 -7.33
CA GLY A 238 -18.22 -11.10 -6.71
C GLY A 238 -17.11 -10.09 -6.85
N CYS A 239 -16.16 -10.31 -7.78
CA CYS A 239 -15.01 -9.39 -7.91
C CYS A 239 -14.79 -8.85 -9.32
N LYS A 240 -15.78 -8.16 -9.90
CA LYS A 240 -15.67 -7.63 -11.28
C LYS A 240 -15.52 -8.77 -12.33
N GLU A 255 -3.22 -3.18 -14.52
CA GLU A 255 -2.14 -2.90 -13.56
C GLU A 255 -2.25 -3.85 -12.39
N GLY A 256 -1.09 -4.30 -11.90
CA GLY A 256 -1.01 -5.09 -10.69
C GLY A 256 -0.54 -4.28 -9.50
N ILE A 257 -0.57 -2.95 -9.62
CA ILE A 257 0.01 -2.05 -8.62
C ILE A 257 -0.80 -1.88 -7.34
N GLY A 258 -1.71 -2.78 -7.00
CA GLY A 258 -2.20 -2.87 -5.62
C GLY A 258 -2.69 -4.27 -5.36
N GLY A 259 -2.00 -5.23 -5.95
CA GLY A 259 -2.54 -6.59 -6.09
C GLY A 259 -2.99 -7.18 -4.79
N PHE A 260 -2.30 -6.76 -3.72
CA PHE A 260 -2.44 -7.30 -2.38
C PHE A 260 -3.68 -6.79 -1.69
N VAL A 261 -4.32 -5.80 -2.28
CA VAL A 261 -5.55 -5.31 -1.70
C VAL A 261 -6.71 -5.53 -2.68
N SER A 262 -6.50 -6.41 -3.65
CA SER A 262 -7.57 -6.87 -4.54
C SER A 262 -8.61 -7.70 -3.83
N CYS A 263 -9.77 -7.79 -4.46
CA CYS A 263 -10.94 -8.43 -3.88
C CYS A 263 -10.65 -9.88 -3.62
N ASN A 264 -10.05 -10.54 -4.60
CA ASN A 264 -9.76 -11.96 -4.47
C ASN A 264 -8.87 -12.28 -3.31
N HIS A 265 -7.87 -11.43 -3.10
CA HIS A 265 -6.92 -11.61 -2.01
C HIS A 265 -7.63 -11.49 -0.67
N LEU A 266 -8.42 -10.45 -0.52
CA LEU A 266 -9.00 -10.14 0.78
C LEU A 266 -10.11 -11.11 1.10
N ARG A 267 -10.48 -11.90 0.11
CA ARG A 267 -11.66 -12.74 0.18
C ARG A 267 -11.43 -13.89 1.18
N SER A 268 -10.18 -14.32 1.25
CA SER A 268 -9.75 -15.33 2.20
C SER A 268 -10.14 -15.02 3.64
N PHE A 269 -9.89 -13.81 4.14
CA PHE A 269 -10.25 -13.54 5.53
C PHE A 269 -11.73 -13.25 5.73
N GLU A 270 -12.45 -13.03 4.63
CA GLU A 270 -13.90 -12.89 4.71
C GLU A 270 -14.58 -14.23 4.81
N TYR A 271 -14.09 -15.17 4.00
CA TYR A 271 -14.51 -16.55 4.13
C TYR A 271 -14.20 -17.06 5.51
N TYR A 272 -13.00 -16.79 6.03
CA TYR A 272 -12.66 -17.26 7.36
C TYR A 272 -13.59 -16.65 8.39
N SER A 273 -13.58 -15.33 8.48
CA SER A 273 -14.47 -14.66 9.42
C SER A 273 -15.91 -15.16 9.38
N SER A 274 -16.38 -15.55 8.20
CA SER A 274 -17.74 -16.03 8.07
C SER A 274 -17.87 -17.39 8.69
N SER A 275 -16.95 -18.29 8.33
CA SER A 275 -16.95 -19.67 8.85
C SER A 275 -17.04 -19.69 10.38
N VAL A 276 -16.40 -18.71 11.04
CA VAL A 276 -16.53 -18.53 12.49
C VAL A 276 -17.98 -18.53 12.95
N LEU A 277 -18.89 -17.99 12.12
CA LEU A 277 -20.34 -17.97 12.42
C LEU A 277 -21.18 -19.00 11.65
N ASN A 278 -20.69 -19.46 10.50
CA ASN A 278 -21.36 -20.49 9.71
C ASN A 278 -20.42 -21.70 9.52
N PRO A 279 -20.37 -22.58 10.52
CA PRO A 279 -19.41 -23.68 10.57
C PRO A 279 -19.37 -24.53 9.33
N ASP A 280 -20.53 -24.94 8.83
CA ASP A 280 -20.59 -25.76 7.62
C ASP A 280 -20.89 -24.92 6.38
N GLY A 281 -20.74 -23.61 6.48
CA GLY A 281 -20.92 -22.76 5.32
C GLY A 281 -19.96 -23.05 4.18
N PHE A 282 -18.82 -23.69 4.49
CA PHE A 282 -17.73 -23.83 3.53
C PHE A 282 -17.12 -25.23 3.46
N LEU A 283 -17.96 -26.24 3.36
CA LEU A 283 -17.49 -27.61 3.21
C LEU A 283 -16.61 -27.75 1.99
N GLY A 284 -15.47 -28.41 2.18
CA GLY A 284 -14.53 -28.70 1.08
C GLY A 284 -14.61 -30.15 0.63
N TYR A 285 -14.60 -30.38 -0.68
CA TYR A 285 -14.73 -31.72 -1.25
C TYR A 285 -13.37 -32.08 -1.77
N PRO A 286 -12.95 -33.33 -1.55
CA PRO A 286 -11.57 -33.68 -1.90
C PRO A 286 -11.44 -33.92 -3.39
N CYS A 287 -10.50 -33.25 -4.04
CA CYS A 287 -10.41 -33.27 -5.52
C CYS A 287 -9.01 -32.98 -6.03
N ALA A 288 -8.70 -33.48 -7.22
CA ALA A 288 -7.43 -33.18 -7.87
C ALA A 288 -7.42 -31.81 -8.54
N SER A 289 -8.53 -31.45 -9.18
CA SER A 289 -8.67 -30.19 -9.94
C SER A 289 -10.01 -29.52 -9.67
N TYR A 290 -10.17 -28.30 -10.14
CA TYR A 290 -11.47 -27.64 -10.12
C TYR A 290 -12.38 -28.28 -11.15
N ASP A 291 -11.87 -28.59 -12.34
CA ASP A 291 -12.67 -29.18 -13.42
C ASP A 291 -13.34 -30.47 -12.99
N GLU A 292 -12.57 -31.35 -12.35
CA GLU A 292 -13.12 -32.59 -11.80
C GLU A 292 -14.30 -32.29 -10.90
N PHE A 293 -14.13 -31.26 -10.07
CA PHE A 293 -15.13 -30.85 -9.12
C PHE A 293 -16.36 -30.28 -9.82
N GLN A 294 -16.14 -29.39 -10.77
CA GLN A 294 -17.20 -28.81 -11.59
C GLN A 294 -18.04 -29.93 -12.18
N GLU A 295 -17.37 -30.85 -12.86
CA GLU A 295 -18.01 -32.01 -13.47
C GLU A 295 -18.53 -33.02 -12.44
N SER A 296 -18.45 -32.69 -11.16
CA SER A 296 -19.05 -33.48 -10.10
C SER A 296 -18.55 -34.93 -10.06
N LYS A 297 -17.28 -35.11 -10.39
CA LYS A 297 -16.61 -36.38 -10.26
C LYS A 297 -16.07 -36.49 -8.84
N CYS A 298 -16.70 -35.73 -7.94
CA CYS A 298 -16.04 -35.26 -6.75
C CYS A 298 -17.08 -35.11 -5.62
N PHE A 299 -18.14 -35.92 -5.71
CA PHE A 299 -19.42 -35.63 -5.06
C PHE A 299 -20.19 -36.93 -4.81
N PRO A 300 -20.87 -37.05 -3.66
CA PRO A 300 -20.96 -36.19 -2.49
C PRO A 300 -19.80 -36.43 -1.53
N CYS A 301 -19.85 -35.79 -0.36
CA CYS A 301 -18.76 -35.84 0.62
C CYS A 301 -18.32 -37.26 0.95
N PRO A 302 -17.10 -37.41 1.50
CA PRO A 302 -16.71 -38.73 2.01
C PRO A 302 -17.60 -39.16 3.16
N ALA A 303 -17.76 -40.47 3.33
CA ALA A 303 -18.72 -40.99 4.32
C ALA A 303 -18.40 -40.47 5.71
N GLU A 304 -17.12 -40.26 5.99
CA GLU A 304 -16.68 -39.79 7.29
C GLU A 304 -16.54 -38.26 7.34
N GLY A 305 -17.50 -37.54 6.74
CA GLY A 305 -17.49 -36.06 6.69
C GLY A 305 -16.49 -35.35 5.75
N CYS A 306 -16.95 -34.24 5.16
CA CYS A 306 -16.08 -33.23 4.54
C CYS A 306 -15.39 -32.40 5.61
N PRO A 307 -14.23 -31.80 5.27
CA PRO A 307 -13.70 -30.79 6.16
C PRO A 307 -14.49 -29.52 6.03
N LYS A 308 -14.68 -28.85 7.16
CA LYS A 308 -15.27 -27.53 7.19
C LYS A 308 -14.16 -26.53 7.00
N MET A 309 -14.04 -25.95 5.79
CA MET A 309 -13.07 -24.85 5.55
C MET A 309 -13.35 -23.78 6.56
N GLY A 310 -12.31 -23.03 6.90
CA GLY A 310 -12.44 -22.00 7.91
C GLY A 310 -12.23 -22.48 9.35
N HIS A 311 -12.96 -21.87 10.26
CA HIS A 311 -12.70 -22.02 11.69
C HIS A 311 -12.70 -23.46 12.20
N TYR A 312 -13.55 -24.30 11.62
CA TYR A 312 -13.78 -25.63 12.17
C TYR A 312 -13.04 -26.69 11.35
N ALA A 313 -12.08 -26.21 10.57
CA ALA A 313 -11.12 -27.06 9.88
C ALA A 313 -10.47 -28.08 10.84
N ASP A 314 -10.30 -27.69 12.10
CA ASP A 314 -9.58 -28.53 13.08
C ASP A 314 -10.35 -29.75 13.57
N GLN A 315 -11.56 -29.95 13.06
CA GLN A 315 -12.38 -31.08 13.50
C GLN A 315 -12.34 -32.18 12.48
N PHE A 316 -11.61 -31.94 11.39
CA PHE A 316 -11.53 -32.89 10.29
C PHE A 316 -10.78 -34.15 10.69
N LYS A 317 -11.43 -35.27 10.46
CA LYS A 317 -10.91 -36.59 10.78
C LYS A 317 -9.75 -36.95 9.86
N GLY A 318 -8.57 -37.17 10.43
CA GLY A 318 -7.37 -37.47 9.66
C GLY A 318 -6.81 -36.25 8.94
N LYS A 319 -7.11 -35.06 9.48
CA LYS A 319 -6.62 -33.81 8.90
C LYS A 319 -5.12 -33.74 8.83
N THR A 320 -4.44 -34.44 9.74
CA THR A 320 -2.96 -34.43 9.80
C THR A 320 -2.35 -35.68 9.17
N SER A 321 -3.20 -36.56 8.65
CA SER A 321 -2.75 -37.85 8.13
C SER A 321 -1.89 -37.77 6.85
N ALA A 322 -1.97 -36.67 6.11
CA ALA A 322 -1.17 -36.47 4.88
C ALA A 322 -0.96 -34.99 4.68
N VAL A 323 0.02 -34.62 3.87
CA VAL A 323 0.17 -33.21 3.52
C VAL A 323 -0.50 -32.88 2.19
N GLU A 324 -0.74 -31.59 2.01
CA GLU A 324 -1.20 -31.03 0.76
C GLU A 324 -2.47 -31.69 0.25
N GLN A 325 -3.33 -32.11 1.18
CA GLN A 325 -4.62 -32.66 0.82
C GLN A 325 -5.39 -31.56 0.17
N THR A 326 -5.79 -31.77 -1.08
CA THR A 326 -6.48 -30.76 -1.85
C THR A 326 -8.01 -30.88 -1.79
N PHE A 327 -8.67 -29.74 -1.65
CA PHE A 327 -10.12 -29.68 -1.57
C PHE A 327 -10.70 -28.52 -2.36
N PHE A 328 -11.83 -28.74 -3.01
CA PHE A 328 -12.50 -27.70 -3.77
C PHE A 328 -13.94 -27.49 -3.35
N LEU A 329 -14.44 -26.28 -3.60
CA LEU A 329 -15.77 -25.87 -3.18
C LEU A 329 -16.19 -24.62 -3.95
N ASN A 330 -17.47 -24.23 -3.85
CA ASN A 330 -17.91 -22.93 -4.33
C ASN A 330 -18.52 -22.08 -3.22
N THR A 331 -18.35 -20.77 -3.33
CA THR A 331 -18.84 -19.86 -2.31
C THR A 331 -19.83 -18.90 -2.91
N GLY A 332 -20.61 -18.27 -2.04
CA GLY A 332 -21.54 -17.23 -2.45
C GLY A 332 -20.75 -16.00 -2.85
N GLU A 333 -21.40 -15.05 -3.51
CA GLU A 333 -20.73 -13.82 -3.94
C GLU A 333 -20.86 -12.65 -2.94
N SER A 334 -21.72 -12.77 -1.95
CA SER A 334 -21.98 -11.65 -1.04
C SER A 334 -22.52 -12.05 0.34
N GLY A 335 -22.47 -11.10 1.27
CA GLY A 335 -23.00 -11.29 2.61
C GLY A 335 -22.19 -12.27 3.44
N GLN A 336 -22.80 -13.41 3.74
CA GLN A 336 -22.16 -14.46 4.52
C GLN A 336 -21.25 -15.31 3.65
N PHE A 337 -21.50 -15.29 2.35
CA PHE A 337 -20.70 -16.00 1.34
C PHE A 337 -20.89 -17.51 1.42
N THR A 338 -21.83 -17.95 2.24
CA THR A 338 -21.99 -19.38 2.46
C THR A 338 -22.60 -20.08 1.24
N SER A 339 -22.30 -21.36 1.07
CA SER A 339 -22.83 -22.16 -0.03
C SER A 339 -22.85 -23.65 0.30
N TRP A 340 -23.70 -24.39 -0.43
CA TRP A 340 -23.96 -25.80 -0.17
C TRP A 340 -24.23 -26.52 -1.48
N ARG A 341 -23.30 -27.36 -1.94
CA ARG A 341 -23.47 -28.01 -3.24
C ARG A 341 -24.61 -29.01 -3.24
N TYR A 342 -25.43 -28.94 -4.27
CA TYR A 342 -26.47 -29.94 -4.53
C TYR A 342 -26.33 -30.45 -5.96
N LYS A 343 -26.49 -31.76 -6.14
CA LYS A 343 -26.68 -32.37 -7.46
C LYS A 343 -28.19 -32.40 -7.67
N VAL A 344 -28.66 -31.99 -8.85
CA VAL A 344 -30.09 -31.84 -9.12
C VAL A 344 -30.46 -32.47 -10.47
N SER A 345 -31.54 -33.24 -10.46
CA SER A 345 -31.88 -34.11 -11.59
C SER A 345 -33.35 -34.00 -12.02
N VAL A 346 -33.63 -33.08 -12.94
CA VAL A 346 -35.00 -32.93 -13.48
C VAL A 346 -35.22 -33.80 -14.74
N THR A 347 -36.34 -34.54 -14.74
CA THR A 347 -36.82 -35.28 -15.91
C THR A 347 -38.18 -34.67 -16.36
N LEU A 348 -38.23 -34.21 -17.61
CA LEU A 348 -39.35 -33.40 -18.10
C LEU A 348 -40.66 -34.14 -18.43
N SER A 349 -41.77 -33.42 -18.33
CA SER A 349 -43.05 -33.86 -18.87
C SER A 349 -43.65 -32.73 -19.72
N GLY A 350 -44.48 -33.14 -20.68
CA GLY A 350 -45.01 -32.23 -21.68
C GLY A 350 -45.66 -33.04 -22.80
N LYS A 351 -46.29 -32.34 -23.72
CA LYS A 351 -46.87 -32.97 -24.90
C LYS A 351 -46.23 -32.46 -26.19
N GLU A 352 -45.26 -31.55 -26.08
CA GLU A 352 -44.60 -30.96 -27.24
C GLU A 352 -43.29 -30.25 -26.88
N LYS A 353 -42.28 -30.46 -27.70
CA LYS A 353 -40.94 -29.92 -27.45
C LYS A 353 -40.93 -28.41 -27.65
N VAL A 354 -40.22 -27.69 -26.78
CA VAL A 354 -40.17 -26.21 -26.80
C VAL A 354 -38.78 -25.63 -26.45
N ASN A 355 -38.56 -24.36 -26.77
CA ASN A 355 -37.30 -23.69 -26.43
C ASN A 355 -37.46 -22.68 -25.31
N GLY A 356 -36.61 -22.81 -24.30
CA GLY A 356 -36.62 -21.94 -23.13
C GLY A 356 -35.63 -22.45 -22.10
N TYR A 357 -35.73 -21.95 -20.86
CA TYR A 357 -34.92 -22.50 -19.77
C TYR A 357 -35.74 -23.07 -18.60
N ILE A 358 -35.04 -23.82 -17.75
CA ILE A 358 -35.60 -24.61 -16.66
C ILE A 358 -35.00 -24.16 -15.33
N ARG A 359 -35.84 -24.13 -14.29
CA ARG A 359 -35.38 -23.76 -12.97
C ARG A 359 -35.98 -24.60 -11.88
N ILE A 360 -35.37 -24.52 -10.71
CA ILE A 360 -35.77 -25.29 -9.56
C ILE A 360 -35.48 -24.49 -8.32
N ALA A 361 -36.45 -24.48 -7.42
CA ALA A 361 -36.25 -23.95 -6.08
C ALA A 361 -36.30 -25.11 -5.10
N LEU A 362 -35.51 -25.04 -4.04
CA LEU A 362 -35.56 -26.04 -2.99
C LEU A 362 -36.37 -25.51 -1.82
N TYR A 363 -37.14 -26.40 -1.19
CA TYR A 363 -38.07 -26.02 -0.13
C TYR A 363 -37.97 -26.91 1.10
N GLY A 364 -37.56 -26.31 2.21
CA GLY A 364 -37.74 -26.92 3.53
C GLY A 364 -38.92 -26.25 4.22
N SER A 365 -39.16 -26.60 5.48
CA SER A 365 -40.03 -25.79 6.35
C SER A 365 -39.25 -24.61 6.97
N ASN A 366 -37.93 -24.61 6.70
CA ASN A 366 -37.05 -23.44 6.86
C ASN A 366 -37.63 -22.24 6.07
N GLU A 367 -36.74 -21.56 5.35
CA GLU A 367 -37.15 -20.80 4.18
C GLU A 367 -37.05 -21.75 2.97
N ASN A 368 -37.09 -21.14 1.78
CA ASN A 368 -36.87 -21.83 0.54
C ASN A 368 -35.76 -21.12 -0.19
N SER A 369 -35.27 -21.76 -1.24
CA SER A 369 -34.14 -21.23 -2.00
C SER A 369 -34.62 -20.37 -3.14
N LYS A 370 -33.76 -19.49 -3.60
CA LYS A 370 -33.96 -18.81 -4.87
C LYS A 370 -34.06 -19.88 -5.97
N GLN A 371 -34.57 -19.50 -7.13
CA GLN A 371 -34.65 -20.43 -8.25
C GLN A 371 -33.30 -20.55 -8.94
N TYR A 372 -32.83 -21.77 -9.17
CA TYR A 372 -31.56 -22.00 -9.85
C TYR A 372 -31.80 -22.59 -11.22
N GLU A 373 -31.01 -22.12 -12.19
CA GLU A 373 -31.07 -22.60 -13.57
C GLU A 373 -30.53 -24.04 -13.62
N ILE A 374 -30.99 -24.82 -14.59
CA ILE A 374 -30.54 -26.19 -14.76
C ILE A 374 -30.24 -26.56 -16.22
N PHE A 375 -30.98 -25.96 -17.17
CA PHE A 375 -30.69 -26.10 -18.59
C PHE A 375 -31.25 -24.95 -19.41
N LYS A 376 -30.61 -24.64 -20.54
CA LYS A 376 -31.06 -23.62 -21.50
C LYS A 376 -31.17 -24.22 -22.90
N GLY A 377 -32.24 -23.87 -23.63
CA GLY A 377 -32.39 -24.26 -25.03
C GLY A 377 -33.43 -25.33 -25.27
N SER A 378 -33.02 -26.42 -25.91
CA SER A 378 -33.96 -27.47 -26.37
C SER A 378 -34.57 -28.29 -25.23
N LEU A 379 -35.76 -27.86 -24.79
CA LEU A 379 -36.53 -28.54 -23.76
C LEU A 379 -37.51 -29.44 -24.47
N LYS A 380 -37.51 -30.72 -24.13
CA LYS A 380 -38.31 -31.69 -24.85
C LYS A 380 -38.95 -32.59 -23.81
N PRO A 381 -40.24 -32.96 -23.99
CA PRO A 381 -40.77 -33.92 -23.04
C PRO A 381 -39.95 -35.19 -23.04
N ASP A 382 -39.75 -35.79 -21.85
CA ASP A 382 -39.00 -37.05 -21.68
C ASP A 382 -37.49 -36.83 -21.50
N ALA A 383 -36.94 -35.78 -22.12
CA ALA A 383 -35.52 -35.44 -21.94
C ALA A 383 -35.26 -35.08 -20.48
N SER A 384 -34.13 -35.54 -19.94
CA SER A 384 -33.69 -35.18 -18.58
C SER A 384 -32.46 -34.31 -18.65
N HIS A 385 -32.26 -33.52 -17.60
CA HIS A 385 -31.07 -32.72 -17.48
C HIS A 385 -30.59 -32.80 -16.03
N THR A 386 -29.28 -32.87 -15.84
CA THR A 386 -28.69 -33.04 -14.52
C THR A 386 -27.71 -31.92 -14.31
N CYS A 387 -27.52 -31.52 -13.06
CA CYS A 387 -26.86 -30.26 -12.80
C CYS A 387 -26.48 -30.01 -11.33
N ALA A 388 -25.19 -29.75 -11.10
CA ALA A 388 -24.72 -29.32 -9.80
C ALA A 388 -25.06 -27.86 -9.57
N ILE A 389 -25.49 -27.52 -8.37
CA ILE A 389 -25.86 -26.14 -8.06
C ILE A 389 -25.39 -25.71 -6.68
N ASP A 390 -25.30 -24.41 -6.46
CA ASP A 390 -24.74 -23.89 -5.22
C ASP A 390 -25.73 -23.04 -4.45
N VAL A 391 -26.50 -23.68 -3.59
CA VAL A 391 -27.53 -23.00 -2.81
C VAL A 391 -26.89 -22.19 -1.70
N ASP A 392 -27.36 -20.96 -1.52
CA ASP A 392 -26.72 -19.97 -0.63
C ASP A 392 -27.12 -20.11 0.84
N PHE A 393 -28.02 -21.03 1.18
CA PHE A 393 -28.33 -21.29 2.59
C PHE A 393 -28.91 -22.68 2.78
N ASN A 394 -28.78 -23.20 3.99
CA ASN A 394 -29.16 -24.59 4.27
C ASN A 394 -30.64 -24.77 4.56
N VAL A 395 -31.31 -25.53 3.70
CA VAL A 395 -32.73 -25.81 3.87
C VAL A 395 -32.98 -26.94 4.87
N GLY A 396 -31.95 -27.73 5.15
CA GLY A 396 -32.13 -29.00 5.84
C GLY A 396 -32.95 -29.92 4.95
N LYS A 397 -33.74 -30.80 5.56
CA LYS A 397 -34.54 -31.77 4.82
C LYS A 397 -35.40 -31.07 3.75
N ILE A 398 -35.14 -31.40 2.50
CA ILE A 398 -35.94 -30.86 1.39
C ILE A 398 -37.34 -31.44 1.50
N GLN A 399 -38.31 -30.60 1.83
CA GLN A 399 -39.70 -31.04 1.97
C GLN A 399 -40.39 -31.09 0.62
N LYS A 400 -40.23 -30.03 -0.18
CA LYS A 400 -40.70 -30.02 -1.55
C LYS A 400 -39.62 -29.47 -2.47
N VAL A 401 -39.90 -29.47 -3.76
CA VAL A 401 -39.16 -28.67 -4.71
C VAL A 401 -40.16 -28.03 -5.63
N LYS A 402 -39.83 -26.87 -6.18
CA LYS A 402 -40.68 -26.26 -7.19
C LYS A 402 -39.88 -26.00 -8.44
N PHE A 403 -40.56 -26.13 -9.57
CA PHE A 403 -39.94 -26.13 -10.87
C PHE A 403 -40.58 -25.03 -11.67
N LEU A 404 -39.81 -24.31 -12.48
CA LEU A 404 -40.35 -23.28 -13.35
C LEU A 404 -39.57 -23.22 -14.66
N TRP A 405 -40.28 -23.20 -15.79
CA TRP A 405 -39.66 -23.01 -17.10
C TRP A 405 -40.11 -21.73 -17.78
N ASN A 406 -39.28 -21.13 -18.64
CA ASN A 406 -39.67 -19.89 -19.35
C ASN A 406 -39.04 -19.63 -20.75
N LYS A 407 -39.90 -19.35 -21.73
CA LYS A 407 -39.53 -19.14 -23.14
C LYS A 407 -38.71 -17.86 -23.35
N ASN A 411 -41.72 -15.03 -26.68
CA ASN A 411 -43.14 -14.69 -26.55
C ASN A 411 -44.06 -15.64 -27.33
N LEU A 412 -45.35 -15.64 -26.96
CA LEU A 412 -46.15 -16.86 -26.97
C LEU A 412 -47.26 -17.10 -28.00
N SER A 413 -47.36 -18.36 -28.40
CA SER A 413 -48.61 -19.11 -28.34
C SER A 413 -48.40 -19.87 -27.03
N GLU A 414 -49.46 -20.19 -26.28
CA GLU A 414 -49.31 -20.68 -24.89
C GLU A 414 -49.28 -22.23 -24.77
N PRO A 415 -48.06 -22.82 -24.58
CA PRO A 415 -47.87 -24.26 -24.38
C PRO A 415 -47.49 -24.62 -22.95
N LYS A 416 -47.77 -25.85 -22.54
CA LYS A 416 -47.48 -26.30 -21.17
C LYS A 416 -46.27 -27.25 -21.15
N LEU A 417 -45.53 -27.20 -20.05
CA LEU A 417 -44.31 -27.99 -19.85
C LEU A 417 -44.16 -28.19 -18.34
N GLY A 418 -43.95 -29.44 -17.93
CA GLY A 418 -43.82 -29.77 -16.52
C GLY A 418 -42.52 -30.46 -16.17
N ALA A 419 -42.45 -30.97 -14.95
CA ALA A 419 -41.36 -31.82 -14.50
C ALA A 419 -42.00 -33.08 -13.94
N SER A 420 -41.80 -34.22 -14.59
CA SER A 420 -42.42 -35.47 -14.13
C SER A 420 -41.77 -35.94 -12.86
N GLN A 421 -40.45 -35.76 -12.77
CA GLN A 421 -39.72 -36.19 -11.60
C GLN A 421 -38.44 -35.38 -11.38
N ILE A 422 -38.11 -35.12 -10.10
CA ILE A 422 -36.87 -34.43 -9.73
C ILE A 422 -36.16 -35.15 -8.58
N THR A 423 -34.83 -35.27 -8.71
CA THR A 423 -33.99 -35.85 -7.67
C THR A 423 -32.91 -34.84 -7.27
N VAL A 424 -32.95 -34.41 -6.02
CA VAL A 424 -31.97 -33.51 -5.46
C VAL A 424 -31.11 -34.34 -4.54
N GLN A 425 -29.79 -34.31 -4.74
CA GLN A 425 -28.84 -34.94 -3.81
C GLN A 425 -28.07 -33.88 -3.04
N SER A 426 -28.02 -34.04 -1.72
CA SER A 426 -27.21 -33.19 -0.87
C SER A 426 -25.73 -33.58 -1.01
N GLY A 427 -24.87 -32.58 -1.20
CA GLY A 427 -23.44 -32.82 -1.11
C GLY A 427 -22.98 -33.11 0.32
N GLU A 428 -23.54 -32.37 1.29
CA GLU A 428 -23.16 -32.44 2.70
C GLU A 428 -23.13 -33.86 3.26
N ASP A 429 -24.08 -34.70 2.86
CA ASP A 429 -24.10 -36.08 3.33
C ASP A 429 -24.75 -37.07 2.36
N GLY A 430 -24.79 -36.71 1.08
CA GLY A 430 -25.20 -37.64 0.03
C GLY A 430 -26.65 -38.08 -0.03
N THR A 431 -27.48 -37.54 0.85
CA THR A 431 -28.90 -37.91 0.90
C THR A 431 -29.61 -37.63 -0.42
N GLU A 432 -30.37 -38.62 -0.89
CA GLU A 432 -31.15 -38.49 -2.10
C GLU A 432 -32.58 -38.21 -1.71
N TYR A 433 -33.14 -37.17 -2.32
CA TYR A 433 -34.58 -36.92 -2.26
C TYR A 433 -35.14 -37.11 -3.65
N ASN A 434 -36.38 -37.57 -3.72
CA ASN A 434 -37.10 -37.66 -4.99
C ASN A 434 -38.44 -36.98 -4.85
N PHE A 435 -38.94 -36.51 -5.98
CA PHE A 435 -40.16 -35.73 -6.03
C PHE A 435 -40.93 -36.09 -7.28
N CYS A 436 -42.21 -35.74 -7.30
CA CYS A 436 -43.15 -36.44 -8.15
C CYS A 436 -44.23 -35.52 -8.69
N SER A 437 -44.57 -35.72 -9.96
CA SER A 437 -45.70 -35.05 -10.58
C SER A 437 -45.54 -35.00 -12.11
N SER A 438 -46.04 -36.02 -12.82
CA SER A 438 -46.07 -36.00 -14.30
C SER A 438 -47.24 -35.12 -14.78
N ASP A 439 -47.07 -33.80 -14.63
CA ASP A 439 -48.20 -32.88 -14.66
C ASP A 439 -47.73 -31.45 -14.99
N THR A 440 -47.97 -31.03 -16.23
CA THR A 440 -47.36 -29.83 -16.80
C THR A 440 -48.03 -28.53 -16.38
N VAL A 441 -47.37 -27.41 -16.65
CA VAL A 441 -47.86 -26.09 -16.27
C VAL A 441 -47.54 -25.06 -17.32
N GLU A 442 -48.29 -23.95 -17.32
CA GLU A 442 -48.02 -22.82 -18.20
C GLU A 442 -46.64 -22.19 -17.89
N GLU A 443 -46.25 -21.21 -18.68
CA GLU A 443 -44.95 -20.57 -18.53
C GLU A 443 -44.89 -19.71 -17.27
N ASN A 444 -43.76 -19.77 -16.59
CA ASN A 444 -43.50 -18.95 -15.39
C ASN A 444 -44.38 -19.28 -14.17
N VAL A 445 -45.29 -20.25 -14.30
CA VAL A 445 -45.98 -20.83 -13.17
C VAL A 445 -45.01 -21.70 -12.36
N LEU A 446 -45.02 -21.53 -11.05
CA LEU A 446 -44.24 -22.39 -10.15
C LEU A 446 -44.95 -23.72 -10.02
N GLN A 447 -44.38 -24.77 -10.61
CA GLN A 447 -44.93 -26.13 -10.46
C GLN A 447 -44.33 -26.78 -9.24
N SER A 448 -45.19 -27.41 -8.45
CA SER A 448 -44.73 -28.08 -7.24
C SER A 448 -44.72 -29.59 -7.44
N LEU A 449 -43.74 -30.22 -6.81
CA LEU A 449 -43.59 -31.67 -6.83
C LEU A 449 -43.43 -32.15 -5.39
N TYR A 450 -43.90 -33.36 -5.11
CA TYR A 450 -44.06 -33.82 -3.73
C TYR A 450 -43.22 -35.07 -3.43
N PRO A 451 -42.87 -35.29 -2.16
CA PRO A 451 -42.07 -36.45 -1.75
C PRO A 451 -42.61 -37.80 -2.22
N CYS A 452 -41.70 -38.76 -2.34
CA CYS A 452 -42.00 -40.09 -2.88
C CYS A 452 -40.68 -40.82 -3.08
N LYS B 1 -19.54 3.83 -20.77
CA LYS B 1 -20.44 3.84 -19.61
C LYS B 1 -20.19 5.09 -18.77
N GLU B 2 -21.08 5.30 -17.82
CA GLU B 2 -20.99 6.46 -16.92
C GLU B 2 -21.92 6.27 -15.71
N VAL B 3 -21.46 6.87 -14.62
CA VAL B 3 -22.16 6.87 -13.32
C VAL B 3 -22.24 8.31 -12.83
N CYS B 4 -23.37 8.60 -12.18
CA CYS B 4 -23.54 9.94 -11.65
C CYS B 4 -23.72 9.87 -10.18
N TYR B 5 -23.13 10.82 -9.50
CA TYR B 5 -23.18 10.88 -8.06
C TYR B 5 -23.69 12.24 -7.63
N GLY B 6 -24.93 12.53 -7.98
CA GLY B 6 -25.61 13.74 -7.55
C GLY B 6 -24.88 15.00 -7.95
N GLN B 7 -24.78 15.94 -7.01
CA GLN B 7 -24.18 17.24 -7.27
C GLN B 7 -22.68 17.21 -7.56
N LEU B 8 -22.06 16.02 -7.56
CA LEU B 8 -20.67 15.87 -8.03
C LEU B 8 -20.63 15.57 -9.54
N GLY B 9 -21.79 15.24 -10.09
CA GLY B 9 -21.91 15.10 -11.53
C GLY B 9 -21.68 13.69 -11.96
N CYS B 10 -21.14 13.54 -13.16
CA CYS B 10 -20.93 12.23 -13.71
C CYS B 10 -19.51 12.01 -14.15
N PHE B 11 -19.21 10.72 -14.23
CA PHE B 11 -17.90 10.24 -14.53
C PHE B 11 -18.13 9.11 -15.49
N SER B 12 -17.48 9.17 -16.64
CA SER B 12 -17.61 8.07 -17.58
C SER B 12 -16.27 7.41 -17.79
N ASP B 13 -16.30 6.18 -18.28
CA ASP B 13 -15.10 5.41 -18.58
C ASP B 13 -14.62 5.60 -20.03
N GLU B 14 -15.00 6.71 -20.66
CA GLU B 14 -14.64 6.99 -22.05
C GLU B 14 -13.16 7.45 -22.09
N LYS B 15 -12.48 7.18 -23.21
CA LYS B 15 -11.12 7.66 -23.42
C LYS B 15 -11.03 9.17 -23.18
N PRO B 16 -9.99 9.66 -22.45
CA PRO B 16 -8.78 9.06 -21.93
C PRO B 16 -8.84 8.57 -20.46
N TRP B 17 -9.96 8.74 -19.79
CA TRP B 17 -10.09 8.27 -18.41
C TRP B 17 -9.83 6.77 -18.27
N ALA B 18 -10.35 6.00 -19.22
CA ALA B 18 -10.16 4.57 -19.20
C ALA B 18 -10.15 4.08 -20.63
N GLY B 19 -9.91 2.78 -20.81
CA GLY B 19 -9.87 2.18 -22.12
C GLY B 19 -8.66 2.54 -22.94
N THR B 20 -7.68 3.20 -22.34
CA THR B 20 -6.48 3.63 -23.04
C THR B 20 -5.47 2.58 -22.72
N LEU B 21 -4.36 2.55 -23.44
CA LEU B 21 -3.40 1.48 -23.18
C LEU B 21 -2.49 1.68 -21.97
N GLN B 22 -2.61 2.82 -21.30
CA GLN B 22 -2.10 2.96 -19.93
C GLN B 22 -3.20 2.71 -18.89
N ARG B 23 -4.47 2.71 -19.32
CA ARG B 23 -5.58 2.43 -18.38
C ARG B 23 -6.51 1.46 -19.12
N PRO B 24 -6.01 0.26 -19.40
CA PRO B 24 -6.71 -0.61 -20.34
C PRO B 24 -8.08 -1.05 -19.88
N VAL B 25 -8.24 -1.37 -18.61
CA VAL B 25 -9.56 -1.76 -18.11
C VAL B 25 -10.44 -0.53 -17.98
N LYS B 26 -11.75 -0.74 -18.15
CA LYS B 26 -12.72 0.34 -18.15
C LYS B 26 -13.43 0.35 -16.80
N LEU B 27 -12.69 0.80 -15.80
CA LEU B 27 -13.22 0.96 -14.46
C LEU B 27 -13.99 2.27 -14.37
N LEU B 28 -14.79 2.44 -13.30
CA LEU B 28 -15.41 3.74 -12.95
C LEU B 28 -15.30 4.03 -11.43
N PRO B 29 -15.27 5.31 -11.04
CA PRO B 29 -15.13 5.66 -9.61
C PRO B 29 -16.15 5.06 -8.65
N TRP B 30 -15.66 4.57 -7.52
CA TRP B 30 -16.49 4.20 -6.38
C TRP B 30 -17.38 5.34 -5.93
N SER B 31 -18.45 5.00 -5.23
CA SER B 31 -19.41 6.00 -4.78
C SER B 31 -18.74 6.91 -3.77
N PRO B 32 -19.24 8.15 -3.67
CA PRO B 32 -18.68 9.09 -2.70
C PRO B 32 -18.73 8.54 -1.29
N GLU B 33 -19.85 7.93 -0.94
CA GLU B 33 -19.98 7.33 0.38
C GLU B 33 -18.88 6.28 0.60
N ASP B 34 -18.53 5.52 -0.42
CA ASP B 34 -17.47 4.49 -0.30
C ASP B 34 -16.05 5.06 -0.22
N ILE B 35 -15.75 6.07 -1.04
CA ILE B 35 -14.49 6.79 -1.00
C ILE B 35 -14.39 7.54 0.30
N ASP B 36 -15.55 7.94 0.84
CA ASP B 36 -15.70 8.68 2.10
C ASP B 36 -14.77 9.89 2.31
N THR B 37 -14.70 10.81 1.34
CA THR B 37 -13.84 11.98 1.48
C THR B 37 -14.24 12.85 2.66
N ARG B 38 -13.22 13.46 3.26
CA ARG B 38 -13.39 14.23 4.49
C ARG B 38 -12.41 15.38 4.55
N PHE B 39 -12.87 16.49 5.10
CA PHE B 39 -12.09 17.72 5.12
C PHE B 39 -11.80 18.10 6.55
N LEU B 40 -10.54 17.89 6.94
CA LEU B 40 -10.08 18.10 8.30
C LEU B 40 -9.46 19.49 8.38
N LEU B 41 -10.12 20.37 9.12
CA LEU B 41 -9.69 21.75 9.21
C LEU B 41 -8.83 21.90 10.43
N TYR B 42 -7.55 22.18 10.19
CA TYR B 42 -6.63 22.63 11.24
C TYR B 42 -6.46 24.15 11.14
N THR B 43 -6.03 24.75 12.23
CA THR B 43 -5.98 26.20 12.32
C THR B 43 -5.07 26.53 13.47
N ASN B 44 -4.50 27.73 13.44
CA ASN B 44 -3.60 28.16 14.50
C ASN B 44 -4.30 27.99 15.86
N GLU B 45 -5.61 28.24 15.88
CA GLU B 45 -6.45 28.03 17.07
C GLU B 45 -6.86 26.56 17.36
N ASN B 46 -6.71 25.66 16.40
CA ASN B 46 -6.73 24.21 16.71
C ASN B 46 -5.70 23.47 15.88
N PRO B 47 -4.42 23.51 16.30
CA PRO B 47 -3.37 22.97 15.45
C PRO B 47 -3.28 21.44 15.43
N ASN B 48 -3.90 20.77 16.40
CA ASN B 48 -3.66 19.34 16.60
C ASN B 48 -4.87 18.49 16.35
N ASN B 49 -6.05 19.01 16.65
CA ASN B 49 -7.29 18.28 16.42
C ASN B 49 -8.13 19.08 15.43
N PHE B 50 -8.75 18.35 14.52
CA PHE B 50 -9.37 18.94 13.36
C PHE B 50 -10.85 19.18 13.59
N GLN B 51 -11.33 20.33 13.15
CA GLN B 51 -12.75 20.56 12.97
C GLN B 51 -13.10 19.99 11.60
N LEU B 52 -14.27 19.39 11.49
CA LEU B 52 -14.68 18.68 10.30
C LEU B 52 -15.68 19.53 9.52
N ILE B 53 -15.40 19.84 8.26
CA ILE B 53 -16.27 20.74 7.47
C ILE B 53 -16.84 20.12 6.18
N THR B 54 -17.94 20.70 5.68
CA THR B 54 -18.53 20.29 4.39
C THR B 54 -18.97 21.47 3.52
N GLY B 55 -19.14 21.20 2.23
CA GLY B 55 -19.71 22.16 1.30
C GLY B 55 -21.22 22.23 1.43
N THR B 56 -21.85 21.09 1.65
CA THR B 56 -23.29 21.05 1.84
C THR B 56 -23.76 21.66 3.14
N GLU B 57 -22.84 22.03 4.02
CA GLU B 57 -23.18 22.69 5.29
C GLU B 57 -22.24 23.88 5.53
N PRO B 58 -22.48 25.00 4.82
CA PRO B 58 -21.70 26.23 5.09
C PRO B 58 -22.01 26.86 6.45
N ASP B 59 -22.58 26.08 7.36
CA ASP B 59 -22.85 26.51 8.71
C ASP B 59 -21.91 25.83 9.71
N THR B 60 -21.45 24.61 9.39
CA THR B 60 -20.28 24.05 10.06
C THR B 60 -19.04 24.84 9.68
N ILE B 61 -18.97 25.33 8.44
CA ILE B 61 -17.84 26.13 8.04
C ILE B 61 -17.76 27.33 8.97
N GLU B 62 -18.87 28.03 9.13
CA GLU B 62 -18.92 29.26 9.95
C GLU B 62 -18.60 28.95 11.43
N ALA B 63 -19.10 27.82 11.92
CA ALA B 63 -18.93 27.41 13.31
C ALA B 63 -17.47 27.05 13.63
N SER B 64 -16.70 26.69 12.61
CA SER B 64 -15.32 26.26 12.79
C SER B 64 -14.43 27.45 13.08
N ASN B 65 -13.12 27.25 13.04
CA ASN B 65 -12.16 28.35 13.19
C ASN B 65 -11.71 28.93 11.86
N PHE B 66 -12.32 28.50 10.76
CA PHE B 66 -11.98 29.02 9.45
C PHE B 66 -12.05 30.54 9.50
N GLN B 67 -10.96 31.20 9.14
CA GLN B 67 -10.96 32.64 8.91
C GLN B 67 -11.11 32.90 7.42
N LEU B 68 -11.97 33.84 7.08
CA LEU B 68 -12.10 34.31 5.71
C LEU B 68 -10.96 35.26 5.35
N ASP B 69 -10.32 35.88 6.33
CA ASP B 69 -9.22 36.81 6.03
C ASP B 69 -7.83 36.13 5.95
N ARG B 70 -7.79 34.80 6.04
CA ARG B 70 -6.53 34.04 6.00
C ARG B 70 -6.44 33.22 4.72
N LYS B 71 -5.21 32.88 4.32
CA LYS B 71 -5.02 32.01 3.18
C LYS B 71 -5.40 30.59 3.53
N THR B 72 -5.67 29.79 2.50
CA THR B 72 -6.14 28.41 2.69
C THR B 72 -5.30 27.43 1.89
N ARG B 73 -4.78 26.43 2.61
CA ARG B 73 -4.01 25.36 1.99
C ARG B 73 -4.80 24.07 2.15
N PHE B 74 -4.92 23.32 1.06
CA PHE B 74 -5.43 21.96 1.12
C PHE B 74 -4.25 21.01 0.99
N ILE B 75 -4.32 19.86 1.66
CA ILE B 75 -3.24 18.88 1.56
C ILE B 75 -3.88 17.53 1.28
N ILE B 76 -3.58 17.00 0.10
CA ILE B 76 -4.16 15.76 -0.39
C ILE B 76 -3.12 14.66 -0.46
N HIS B 77 -3.28 13.68 0.43
CA HIS B 77 -2.47 12.46 0.41
C HIS B 77 -2.82 11.56 -0.77
N GLY B 78 -2.01 10.55 -0.97
CA GLY B 78 -2.10 9.70 -2.13
C GLY B 78 -2.65 8.31 -1.84
N PHE B 79 -2.22 7.38 -2.70
CA PHE B 79 -2.53 5.93 -2.63
C PHE B 79 -2.17 5.30 -1.30
N LEU B 80 -3.04 4.41 -0.84
CA LEU B 80 -2.89 3.71 0.44
C LEU B 80 -2.23 4.58 1.51
N ASP B 81 -2.89 5.67 1.87
CA ASP B 81 -2.34 6.62 2.83
C ASP B 81 -3.50 7.28 3.60
N LYS B 82 -3.19 8.27 4.46
CA LYS B 82 -4.20 9.05 5.18
C LYS B 82 -3.67 10.39 5.65
N ALA B 83 -4.57 11.19 6.21
CA ALA B 83 -4.29 12.56 6.56
C ALA B 83 -4.08 12.68 8.06
N GLU B 84 -5.05 12.15 8.78
CA GLU B 84 -5.13 12.26 10.22
C GLU B 84 -3.95 11.55 10.83
N ASP B 85 -3.29 12.21 11.79
CA ASP B 85 -2.10 11.66 12.45
C ASP B 85 -1.12 11.16 11.38
N SER B 86 -0.67 12.08 10.52
CA SER B 86 0.28 11.75 9.47
C SER B 86 0.93 13.01 8.86
N TRP B 87 1.78 12.82 7.84
CA TRP B 87 2.56 13.93 7.30
C TRP B 87 1.76 15.16 6.86
N PRO B 88 0.51 15.00 6.41
CA PRO B 88 -0.31 16.19 6.18
C PRO B 88 -0.58 16.98 7.46
N SER B 89 -1.09 16.29 8.48
CA SER B 89 -1.40 16.91 9.77
C SER B 89 -0.15 17.56 10.36
N ASP B 90 1.01 17.00 10.06
CA ASP B 90 2.27 17.56 10.54
C ASP B 90 2.66 18.79 9.76
N MET B 91 2.45 18.73 8.45
CA MET B 91 2.75 19.86 7.57
C MET B 91 1.94 21.07 7.99
N CYS B 92 0.67 20.83 8.30
CA CYS B 92 -0.15 21.83 8.95
C CYS B 92 0.55 22.40 10.16
N LYS B 93 0.94 21.52 11.08
CA LYS B 93 1.64 21.94 12.31
C LYS B 93 2.86 22.82 12.02
N LYS B 94 3.65 22.46 11.02
CA LYS B 94 4.86 23.23 10.67
C LYS B 94 4.53 24.64 10.15
N MET B 95 3.49 24.72 9.34
CA MET B 95 3.01 25.99 8.80
C MET B 95 2.48 26.93 9.89
N PHE B 96 1.83 26.37 10.89
CA PHE B 96 1.32 27.18 11.99
C PHE B 96 2.44 27.88 12.77
N GLU B 97 3.69 27.69 12.35
CA GLU B 97 4.84 28.30 13.01
C GLU B 97 5.50 29.44 12.23
N VAL B 98 5.10 29.64 10.98
CA VAL B 98 5.58 30.76 10.20
C VAL B 98 4.42 31.59 9.61
N GLU B 99 3.18 31.13 9.76
CA GLU B 99 2.04 31.81 9.16
C GLU B 99 0.72 31.50 9.82
N LYS B 100 -0.24 32.40 9.61
CA LYS B 100 -1.63 32.22 10.00
C LYS B 100 -2.38 31.69 8.77
N VAL B 101 -3.00 30.52 8.91
CA VAL B 101 -3.55 29.84 7.74
C VAL B 101 -4.70 28.88 8.07
N ASN B 102 -5.59 28.66 7.09
CA ASN B 102 -6.65 27.66 7.17
C ASN B 102 -6.12 26.42 6.49
N CYS B 103 -5.93 25.36 7.27
CA CYS B 103 -5.26 24.16 6.79
C CYS B 103 -6.27 23.03 6.65
N ILE B 104 -6.74 22.79 5.42
CA ILE B 104 -7.65 21.65 5.19
C ILE B 104 -6.87 20.46 4.65
N CYS B 105 -6.91 19.35 5.38
CA CYS B 105 -6.37 18.11 4.87
C CYS B 105 -7.51 17.36 4.24
N VAL B 106 -7.28 16.81 3.05
CA VAL B 106 -8.32 16.01 2.42
C VAL B 106 -8.01 14.57 2.70
N ASP B 107 -8.92 13.91 3.41
CA ASP B 107 -8.70 12.56 3.83
C ASP B 107 -9.62 11.70 3.02
N TRP B 108 -9.04 10.79 2.26
CA TRP B 108 -9.83 9.85 1.49
C TRP B 108 -9.26 8.46 1.59
N ARG B 109 -8.89 8.06 2.80
CA ARG B 109 -8.09 6.86 3.00
C ARG B 109 -8.80 5.60 2.56
N HIS B 110 -10.12 5.59 2.65
CA HIS B 110 -10.92 4.43 2.26
C HIS B 110 -10.97 4.27 0.75
N GLY B 111 -10.87 5.39 0.04
CA GLY B 111 -10.89 5.36 -1.42
C GLY B 111 -9.52 5.11 -1.96
N SER B 112 -8.50 5.26 -1.11
CA SER B 112 -7.14 4.93 -1.47
C SER B 112 -6.78 3.51 -1.04
N ARG B 113 -7.57 2.90 -0.15
CA ARG B 113 -7.45 1.48 0.14
C ARG B 113 -8.23 0.77 -0.93
N ALA B 114 -7.53 0.51 -2.01
CA ALA B 114 -8.09 -0.11 -3.21
C ALA B 114 -6.95 -0.51 -4.15
N MET B 115 -7.29 -1.20 -5.22
CA MET B 115 -6.27 -1.56 -6.19
C MET B 115 -5.87 -0.29 -6.95
N TYR B 116 -4.59 -0.09 -7.27
CA TYR B 116 -4.13 1.25 -7.75
C TYR B 116 -5.05 1.82 -8.86
N THR B 117 -5.22 1.01 -9.88
CA THR B 117 -6.07 1.31 -11.00
C THR B 117 -7.50 1.80 -10.60
N GLN B 118 -8.06 1.28 -9.52
CA GLN B 118 -9.36 1.74 -9.03
C GLN B 118 -9.24 3.02 -8.24
N ALA B 119 -8.07 3.20 -7.65
CA ALA B 119 -7.77 4.45 -6.96
C ALA B 119 -7.60 5.58 -7.97
N VAL B 120 -7.05 5.24 -9.14
CA VAL B 120 -6.88 6.22 -10.21
C VAL B 120 -8.27 6.78 -10.60
N GLN B 121 -9.30 5.93 -10.63
CA GLN B 121 -10.62 6.46 -10.86
C GLN B 121 -11.19 7.18 -9.65
N ASN B 122 -10.92 6.70 -8.44
CA ASN B 122 -11.47 7.33 -7.24
C ASN B 122 -11.02 8.78 -6.97
N ILE B 123 -9.85 9.18 -7.46
CA ILE B 123 -9.40 10.54 -7.20
C ILE B 123 -10.25 11.52 -7.96
N ARG B 124 -10.88 11.05 -9.04
CA ARG B 124 -11.86 11.86 -9.79
C ARG B 124 -12.96 12.38 -8.90
N VAL B 125 -13.62 11.47 -8.19
CA VAL B 125 -14.60 11.83 -7.18
C VAL B 125 -14.01 12.65 -6.01
N VAL B 126 -12.82 12.29 -5.55
CA VAL B 126 -12.20 13.06 -4.46
C VAL B 126 -11.91 14.49 -4.91
N GLY B 127 -11.54 14.64 -6.18
CA GLY B 127 -11.26 15.96 -6.75
C GLY B 127 -12.52 16.77 -6.95
N ALA B 128 -13.58 16.08 -7.33
CA ALA B 128 -14.89 16.71 -7.47
C ALA B 128 -15.27 17.26 -6.10
N GLU B 129 -15.11 16.42 -5.09
CA GLU B 129 -15.45 16.74 -3.72
C GLU B 129 -14.71 17.95 -3.18
N THR B 130 -13.41 18.06 -3.49
CA THR B 130 -12.61 19.21 -3.05
C THR B 130 -13.07 20.46 -3.78
N ALA B 131 -13.17 20.34 -5.11
CA ALA B 131 -13.69 21.37 -6.02
C ALA B 131 -15.02 21.91 -5.52
N PHE B 132 -15.91 21.01 -5.16
CA PHE B 132 -17.22 21.36 -4.67
C PHE B 132 -17.14 22.20 -3.41
N LEU B 133 -16.23 21.87 -2.51
CA LEU B 133 -16.04 22.63 -1.28
C LEU B 133 -15.44 24.00 -1.55
N ILE B 134 -14.43 24.07 -2.42
CA ILE B 134 -13.76 25.35 -2.70
C ILE B 134 -14.77 26.30 -3.30
N GLN B 135 -15.65 25.78 -4.14
CA GLN B 135 -16.75 26.58 -4.70
C GLN B 135 -17.76 27.01 -3.61
N ALA B 136 -18.17 26.06 -2.77
CA ALA B 136 -19.00 26.37 -1.60
C ALA B 136 -18.40 27.54 -0.82
N LEU B 137 -17.09 27.61 -0.71
CA LEU B 137 -16.44 28.67 0.06
C LEU B 137 -16.50 30.02 -0.63
N SER B 138 -16.51 30.04 -1.96
CA SER B 138 -16.60 31.30 -2.70
C SER B 138 -18.06 31.76 -2.83
N THR B 139 -18.93 30.87 -3.30
CA THR B 139 -20.36 31.16 -3.45
C THR B 139 -20.97 31.65 -2.16
N GLN B 140 -20.63 30.98 -1.06
CA GLN B 140 -21.32 31.20 0.20
C GLN B 140 -20.65 32.25 1.07
N LEU B 141 -19.32 32.34 1.02
CA LEU B 141 -18.58 33.28 1.87
C LEU B 141 -17.78 34.32 1.10
N GLY B 142 -17.81 34.28 -0.22
CA GLY B 142 -17.08 35.27 -1.01
C GLY B 142 -15.57 35.11 -0.97
N TYR B 143 -15.11 33.90 -0.67
CA TYR B 143 -13.69 33.62 -0.58
C TYR B 143 -13.10 33.49 -2.00
N SER B 144 -12.08 34.28 -2.29
CA SER B 144 -11.47 34.31 -3.60
C SER B 144 -10.58 33.09 -3.79
N LEU B 145 -10.72 32.42 -4.94
CA LEU B 145 -9.95 31.20 -5.21
C LEU B 145 -8.49 31.50 -5.47
N GLU B 146 -8.15 32.77 -5.70
CA GLU B 146 -6.72 33.20 -5.69
C GLU B 146 -6.02 32.88 -4.38
N ASP B 147 -6.76 32.75 -3.29
CA ASP B 147 -6.16 32.49 -1.98
C ASP B 147 -6.06 31.01 -1.64
N VAL B 148 -6.49 30.16 -2.57
CA VAL B 148 -6.46 28.73 -2.33
C VAL B 148 -5.18 28.07 -2.88
N HIS B 149 -4.51 27.29 -2.04
CA HIS B 149 -3.36 26.48 -2.41
C HIS B 149 -3.72 25.05 -2.17
N VAL B 150 -3.51 24.20 -3.16
CA VAL B 150 -3.77 22.76 -2.98
C VAL B 150 -2.47 22.01 -3.16
N ILE B 151 -2.01 21.41 -2.07
CA ILE B 151 -0.79 20.59 -2.10
C ILE B 151 -1.16 19.10 -2.23
N GLY B 152 -0.48 18.39 -3.12
CA GLY B 152 -0.82 17.00 -3.41
C GLY B 152 0.40 16.09 -3.56
N HIS B 153 0.42 14.98 -2.82
CA HIS B 153 1.45 13.95 -2.97
C HIS B 153 0.96 12.78 -3.88
N SER B 154 1.71 12.48 -4.94
CA SER B 154 1.52 11.24 -5.71
C SER B 154 0.17 11.29 -6.46
N LEU B 155 -0.81 10.46 -6.09
CA LEU B 155 -2.16 10.54 -6.64
C LEU B 155 -2.87 11.80 -6.11
N GLY B 156 -2.48 12.23 -4.92
CA GLY B 156 -2.92 13.50 -4.40
C GLY B 156 -2.64 14.63 -5.36
N ALA B 157 -1.52 14.57 -6.10
CA ALA B 157 -1.18 15.67 -7.01
C ALA B 157 -2.17 15.75 -8.20
N HIS B 158 -2.58 14.60 -8.72
CA HIS B 158 -3.54 14.56 -9.81
C HIS B 158 -4.97 14.78 -9.29
N THR B 159 -5.18 14.56 -8.00
CA THR B 159 -6.41 14.98 -7.36
C THR B 159 -6.46 16.52 -7.32
N ALA B 160 -5.37 17.15 -6.88
CA ALA B 160 -5.28 18.59 -6.90
C ALA B 160 -5.62 19.10 -8.30
N ALA B 161 -5.03 18.45 -9.32
CA ALA B 161 -5.25 18.77 -10.74
C ALA B 161 -6.71 18.70 -11.15
N GLU B 162 -7.42 17.74 -10.57
CA GLU B 162 -8.80 17.51 -10.88
C GLU B 162 -9.68 18.54 -10.20
N ALA B 163 -9.34 18.90 -8.97
CA ALA B 163 -10.00 19.99 -8.31
C ALA B 163 -9.78 21.23 -9.18
N GLY B 164 -8.57 21.43 -9.68
CA GLY B 164 -8.21 22.68 -10.36
C GLY B 164 -8.83 22.87 -11.72
N ARG B 165 -8.87 21.80 -12.48
CA ARG B 165 -9.48 21.81 -13.79
C ARG B 165 -10.97 22.06 -13.73
N ARG B 166 -11.64 21.39 -12.80
CA ARG B 166 -13.06 21.66 -12.51
C ARG B 166 -13.39 23.11 -12.09
N LEU B 167 -12.47 23.80 -11.41
CA LEU B 167 -12.60 25.23 -11.15
C LEU B 167 -11.88 26.09 -12.22
N GLY B 168 -11.62 25.48 -13.38
CA GLY B 168 -11.12 26.18 -14.55
C GLY B 168 -9.84 26.97 -14.33
N GLY B 169 -8.85 26.32 -13.74
CA GLY B 169 -7.52 26.91 -13.56
C GLY B 169 -7.43 28.16 -12.73
N ARG B 170 -8.48 28.41 -11.95
CA ARG B 170 -8.62 29.66 -11.19
C ARG B 170 -8.02 29.58 -9.78
N VAL B 171 -7.83 28.37 -9.27
CA VAL B 171 -7.15 28.17 -7.99
C VAL B 171 -5.79 28.87 -7.99
N GLY B 172 -5.47 29.57 -6.90
CA GLY B 172 -4.22 30.29 -6.87
C GLY B 172 -3.01 29.43 -7.22
N ARG B 173 -2.94 28.25 -6.63
CA ARG B 173 -1.73 27.46 -6.71
C ARG B 173 -1.96 26.00 -6.43
N ILE B 174 -1.24 25.15 -7.18
CA ILE B 174 -1.18 23.74 -6.90
C ILE B 174 0.27 23.38 -6.79
N THR B 175 0.60 22.62 -5.75
CA THR B 175 1.95 22.08 -5.58
C THR B 175 1.88 20.55 -5.67
N GLY B 176 2.54 20.00 -6.68
CA GLY B 176 2.55 18.58 -6.90
C GLY B 176 3.81 17.95 -6.34
N LEU B 177 3.65 17.20 -5.27
CA LEU B 177 4.74 16.48 -4.63
C LEU B 177 4.91 15.08 -5.23
N ASP B 178 6.00 14.91 -5.96
CA ASP B 178 6.26 13.71 -6.79
C ASP B 178 4.99 13.10 -7.42
N PRO B 179 4.32 13.84 -8.31
CA PRO B 179 3.07 13.39 -8.91
C PRO B 179 3.22 11.97 -9.43
N ALA B 180 2.28 11.09 -9.09
CA ALA B 180 2.37 9.69 -9.50
C ALA B 180 2.60 9.57 -11.02
N GLY B 181 3.53 8.73 -11.41
CA GLY B 181 3.80 8.47 -12.81
C GLY B 181 2.83 7.49 -13.44
N PRO B 182 2.68 6.29 -12.86
CA PRO B 182 1.88 5.27 -13.52
C PRO B 182 0.39 5.62 -13.67
N CYS B 183 -0.02 5.71 -14.93
CA CYS B 183 -1.36 6.07 -15.37
C CYS B 183 -1.50 7.54 -15.74
N PHE B 184 -0.49 8.35 -15.49
CA PHE B 184 -0.59 9.76 -15.81
C PHE B 184 0.48 10.23 -16.79
N GLN B 185 1.68 9.66 -16.72
CA GLN B 185 2.78 10.19 -17.54
C GLN B 185 2.52 10.03 -19.02
N ASP B 186 2.59 11.15 -19.72
CA ASP B 186 2.32 11.27 -21.16
C ASP B 186 0.87 11.06 -21.54
N GLU B 187 -0.02 11.10 -20.55
CA GLU B 187 -1.46 11.09 -20.84
C GLU B 187 -1.97 12.54 -21.00
N PRO B 188 -3.21 12.71 -21.47
CA PRO B 188 -3.67 14.07 -21.75
C PRO B 188 -3.94 14.87 -20.50
N GLU B 189 -3.86 16.17 -20.66
CA GLU B 189 -4.00 17.07 -19.54
C GLU B 189 -5.31 16.89 -18.78
N GLU B 190 -6.32 16.35 -19.43
CA GLU B 190 -7.64 16.16 -18.81
C GLU B 190 -7.45 15.35 -17.51
N VAL B 191 -6.61 14.32 -17.63
CA VAL B 191 -6.50 13.27 -16.63
C VAL B 191 -5.33 13.46 -15.66
N ARG B 192 -4.62 14.58 -15.72
CA ARG B 192 -3.42 14.76 -14.89
C ARG B 192 -3.07 16.20 -14.60
N LEU B 193 -2.17 16.38 -13.64
CA LEU B 193 -1.62 17.68 -13.33
C LEU B 193 -0.99 18.24 -14.60
N ASP B 194 -1.15 19.55 -14.80
CA ASP B 194 -0.47 20.27 -15.86
C ASP B 194 -0.68 21.74 -15.59
N PRO B 195 0.16 22.61 -16.17
CA PRO B 195 0.14 24.04 -15.82
C PRO B 195 -1.19 24.79 -15.95
N SER B 196 -2.13 24.24 -16.72
CA SER B 196 -3.44 24.87 -16.89
C SER B 196 -4.30 24.86 -15.62
N ASP B 197 -3.94 24.06 -14.61
CA ASP B 197 -4.88 23.65 -13.55
C ASP B 197 -4.97 24.62 -12.39
N ALA B 198 -4.01 25.54 -12.33
CA ALA B 198 -4.06 26.61 -11.33
C ALA B 198 -3.41 27.82 -11.98
N VAL B 199 -3.42 28.96 -11.30
CA VAL B 199 -2.74 30.13 -11.84
C VAL B 199 -1.24 29.82 -11.76
N PHE B 200 -0.83 29.04 -10.74
CA PHE B 200 0.57 28.68 -10.48
C PHE B 200 0.68 27.19 -10.05
N VAL B 201 1.33 26.39 -10.88
CA VAL B 201 1.65 25.01 -10.56
C VAL B 201 3.16 24.83 -10.47
N ASP B 202 3.63 24.47 -9.28
CA ASP B 202 5.03 24.07 -9.04
C ASP B 202 5.08 22.64 -8.54
N VAL B 203 6.06 21.90 -9.08
CA VAL B 203 6.18 20.47 -8.86
C VAL B 203 7.58 20.06 -8.38
N ILE B 204 7.62 19.23 -7.34
CA ILE B 204 8.86 18.59 -6.85
C ILE B 204 9.00 17.12 -7.36
N HIS B 205 10.06 16.85 -8.12
CA HIS B 205 10.32 15.51 -8.66
C HIS B 205 11.39 14.76 -7.88
N THR B 206 11.00 13.68 -7.19
CA THR B 206 11.92 12.93 -6.33
C THR B 206 12.05 11.45 -6.62
N ASP B 207 11.20 10.90 -7.49
CA ASP B 207 11.28 9.48 -7.84
C ASP B 207 10.97 9.29 -9.32
N SER B 208 11.69 10.03 -10.14
CA SER B 208 11.36 10.17 -11.55
C SER B 208 11.72 8.93 -12.33
N SER B 209 10.73 8.37 -13.02
CA SER B 209 11.01 7.38 -14.07
C SER B 209 10.24 7.69 -15.35
N PRO B 210 10.80 7.25 -16.49
CA PRO B 210 9.99 7.09 -17.70
C PRO B 210 9.01 5.89 -17.56
N ILE B 211 7.98 5.84 -18.40
CA ILE B 211 7.04 4.69 -18.43
C ILE B 211 7.79 3.32 -18.48
N VAL B 212 8.82 3.22 -19.32
CA VAL B 212 9.56 1.96 -19.47
C VAL B 212 11.10 2.17 -19.48
N PRO B 213 11.84 1.33 -18.70
CA PRO B 213 11.28 0.54 -17.60
C PRO B 213 10.92 1.48 -16.44
N SER B 214 9.74 1.27 -15.86
CA SER B 214 9.42 1.94 -14.58
C SER B 214 10.48 1.51 -13.59
N LEU B 215 11.14 2.46 -12.95
CA LEU B 215 12.02 2.10 -11.84
C LEU B 215 11.90 3.16 -10.75
N GLY B 216 10.74 3.81 -10.72
CA GLY B 216 10.41 4.85 -9.74
C GLY B 216 8.91 5.02 -9.80
N PHE B 217 8.34 5.85 -8.94
CA PHE B 217 6.89 6.01 -8.93
C PHE B 217 6.40 7.40 -9.34
N GLY B 218 7.31 8.38 -9.39
CA GLY B 218 7.02 9.73 -9.87
C GLY B 218 7.09 9.84 -11.39
N MET B 219 6.87 11.05 -11.86
CA MET B 219 6.93 11.40 -13.28
C MET B 219 8.23 12.07 -13.58
N SER B 220 8.82 11.70 -14.71
CA SER B 220 9.95 12.43 -15.27
C SER B 220 9.43 13.64 -16.05
N GLN B 221 8.21 13.53 -16.55
CA GLN B 221 7.60 14.57 -17.38
C GLN B 221 7.40 15.86 -16.58
N LYS B 222 7.77 16.98 -17.19
CA LYS B 222 7.61 18.29 -16.57
C LYS B 222 6.15 18.72 -16.74
N VAL B 223 5.56 19.21 -15.65
CA VAL B 223 4.10 19.31 -15.50
C VAL B 223 3.68 20.55 -14.69
N GLY B 224 4.55 21.54 -14.61
CA GLY B 224 4.25 22.78 -13.88
C GLY B 224 4.81 23.97 -14.64
N HIS B 225 4.71 25.15 -14.04
CA HIS B 225 5.46 26.28 -14.55
C HIS B 225 6.88 26.12 -14.07
N LEU B 226 6.99 25.73 -12.80
CA LEU B 226 8.25 25.39 -12.18
C LEU B 226 8.33 23.88 -11.99
N ASP B 227 9.34 23.23 -12.55
CA ASP B 227 9.59 21.83 -12.28
C ASP B 227 10.97 21.64 -11.66
N PHE B 228 11.02 21.41 -10.34
CA PHE B 228 12.26 21.14 -9.60
C PHE B 228 12.62 19.66 -9.61
N PHE B 229 13.88 19.35 -9.88
CA PHE B 229 14.39 17.98 -9.80
C PHE B 229 15.55 17.90 -8.82
N PRO B 230 15.26 17.92 -7.51
CA PRO B 230 16.35 17.86 -6.55
C PRO B 230 17.15 16.57 -6.71
N ASN B 231 18.45 16.68 -6.47
CA ASN B 231 19.37 15.57 -6.58
C ASN B 231 19.22 14.80 -7.89
N GLY B 232 18.90 15.51 -8.97
CA GLY B 232 18.71 14.88 -10.28
C GLY B 232 17.32 14.32 -10.53
N GLY B 233 16.52 14.20 -9.47
CA GLY B 233 15.13 13.78 -9.62
C GLY B 233 14.91 12.30 -9.47
N LYS B 234 15.95 11.52 -9.81
CA LYS B 234 15.84 10.06 -9.90
C LYS B 234 16.07 9.38 -8.56
N GLU B 235 17.13 9.76 -7.85
CA GLU B 235 17.32 9.22 -6.50
C GLU B 235 18.04 10.12 -5.51
N MET B 236 17.52 10.10 -4.28
CA MET B 236 17.80 11.10 -3.29
C MET B 236 18.81 10.57 -2.29
N PRO B 237 19.66 11.46 -1.78
CA PRO B 237 20.62 11.10 -0.75
C PRO B 237 19.93 10.71 0.53
N GLY B 238 20.30 9.55 1.05
CA GLY B 238 19.81 9.06 2.31
C GLY B 238 18.98 7.81 2.19
N CYS B 239 18.79 7.30 0.97
CA CYS B 239 17.69 6.34 0.75
C CYS B 239 17.87 4.83 0.99
N LYS B 240 18.77 4.07 0.34
CA LYS B 240 19.46 4.46 -0.88
C LYS B 240 19.01 3.53 -2.04
N LYS B 241 19.68 2.39 -2.25
CA LYS B 241 19.53 1.63 -3.52
C LYS B 241 19.07 0.15 -3.44
N ASN B 242 17.91 -0.11 -4.03
CA ASN B 242 17.41 -1.47 -4.28
C ASN B 242 17.30 -1.72 -5.81
N ILE B 250 20.10 -10.56 -7.39
CA ILE B 250 20.96 -9.57 -8.02
C ILE B 250 20.96 -9.84 -9.52
N ASP B 251 20.14 -9.07 -10.27
CA ASP B 251 19.83 -9.27 -11.72
C ASP B 251 18.51 -10.05 -11.86
N GLY B 252 17.66 -9.99 -10.84
CA GLY B 252 16.63 -11.02 -10.59
C GLY B 252 15.22 -10.71 -11.03
N ILE B 253 14.24 -11.01 -10.17
CA ILE B 253 12.82 -10.65 -10.35
C ILE B 253 12.49 -9.39 -9.59
N TRP B 254 12.46 -8.25 -10.27
CA TRP B 254 12.06 -6.97 -9.69
C TRP B 254 10.61 -6.70 -10.03
N GLU B 255 9.71 -6.85 -9.06
CA GLU B 255 8.28 -6.56 -9.31
C GLU B 255 7.86 -5.20 -8.74
N GLY B 256 8.69 -4.60 -7.89
CA GLY B 256 8.44 -3.23 -7.40
C GLY B 256 7.10 -3.03 -6.69
N ILE B 257 6.65 -4.08 -6.01
CA ILE B 257 5.49 -4.00 -5.13
C ILE B 257 5.82 -2.96 -4.05
N GLY B 258 4.93 -2.02 -3.85
CA GLY B 258 5.14 -1.01 -2.82
C GLY B 258 6.10 0.13 -3.20
N GLY B 259 6.33 0.32 -4.50
CA GLY B 259 7.17 1.40 -5.02
C GLY B 259 6.76 2.79 -4.59
N PHE B 260 5.50 2.92 -4.21
CA PHE B 260 4.90 4.15 -3.71
C PHE B 260 5.17 4.42 -2.23
N VAL B 261 5.88 3.53 -1.54
CA VAL B 261 6.39 3.87 -0.19
C VAL B 261 7.94 3.99 -0.21
N SER B 262 8.54 3.83 -1.39
CA SER B 262 9.91 4.23 -1.62
C SER B 262 10.35 5.49 -0.87
N CYS B 263 11.49 5.41 -0.20
CA CYS B 263 12.13 6.57 0.41
C CYS B 263 12.14 7.74 -0.59
N ASN B 264 12.68 7.49 -1.77
CA ASN B 264 12.69 8.48 -2.83
C ASN B 264 11.35 9.17 -3.05
N HIS B 265 10.28 8.38 -3.09
CA HIS B 265 8.94 8.92 -3.30
C HIS B 265 8.49 9.84 -2.18
N LEU B 266 8.54 9.35 -0.95
CA LEU B 266 8.02 10.09 0.21
C LEU B 266 8.79 11.36 0.52
N ARG B 267 9.93 11.50 -0.13
CA ARG B 267 10.88 12.54 0.22
C ARG B 267 10.50 13.89 -0.39
N SER B 268 9.66 13.86 -1.42
CA SER B 268 8.97 15.04 -1.88
C SER B 268 8.23 15.80 -0.75
N PHE B 269 7.44 15.13 0.09
CA PHE B 269 6.78 15.87 1.18
C PHE B 269 7.68 16.21 2.36
N GLU B 270 8.80 15.52 2.45
CA GLU B 270 9.77 15.81 3.48
C GLU B 270 10.50 17.09 3.16
N TYR B 271 10.84 17.30 1.89
CA TYR B 271 11.50 18.53 1.51
C TYR B 271 10.56 19.73 1.63
N TYR B 272 9.33 19.56 1.19
CA TYR B 272 8.37 20.65 1.25
C TYR B 272 8.09 21.04 2.72
N SER B 273 7.79 20.05 3.56
CA SER B 273 7.57 20.31 4.97
C SER B 273 8.70 21.11 5.52
N SER B 274 9.92 20.74 5.16
CA SER B 274 11.08 21.41 5.69
C SER B 274 11.09 22.85 5.25
N SER B 275 10.87 23.08 3.95
CA SER B 275 10.90 24.44 3.41
C SER B 275 9.94 25.42 4.13
N VAL B 276 8.84 24.90 4.69
CA VAL B 276 7.94 25.68 5.55
C VAL B 276 8.70 26.44 6.65
N LEU B 277 9.70 25.76 7.22
CA LEU B 277 10.57 26.31 8.29
C LEU B 277 11.93 26.80 7.78
N ASN B 278 12.39 26.28 6.66
CA ASN B 278 13.70 26.65 6.09
C ASN B 278 13.55 27.21 4.68
N PRO B 279 13.06 28.47 4.60
CA PRO B 279 12.63 29.07 3.34
C PRO B 279 13.61 28.95 2.19
N ASP B 280 14.88 29.29 2.41
CA ASP B 280 15.86 29.27 1.34
C ASP B 280 16.74 28.03 1.42
N GLY B 281 16.24 27.03 2.16
CA GLY B 281 16.95 25.77 2.32
C GLY B 281 17.20 25.03 1.02
N PHE B 282 16.37 25.30 0.00
CA PHE B 282 16.36 24.52 -1.23
C PHE B 282 16.29 25.38 -2.53
N LEU B 283 17.16 26.38 -2.63
CA LEU B 283 17.18 27.22 -3.82
C LEU B 283 17.45 26.37 -5.04
N GLY B 284 16.63 26.60 -6.08
CA GLY B 284 16.75 25.88 -7.36
C GLY B 284 17.51 26.66 -8.42
N TYR B 285 18.39 25.97 -9.14
CA TYR B 285 19.19 26.58 -10.17
C TYR B 285 18.64 26.16 -11.55
N PRO B 286 18.28 27.16 -12.39
CA PRO B 286 17.82 26.94 -13.77
C PRO B 286 18.85 26.14 -14.53
N CYS B 287 18.39 25.21 -15.36
CA CYS B 287 19.22 24.11 -15.82
C CYS B 287 18.44 23.09 -16.66
N ALA B 288 19.08 22.59 -17.73
CA ALA B 288 18.49 21.59 -18.65
C ALA B 288 18.66 20.14 -18.15
N SER B 289 19.83 19.86 -17.55
CA SER B 289 20.09 18.54 -16.97
C SER B 289 20.85 18.65 -15.66
N TYR B 290 20.87 17.55 -14.94
CA TYR B 290 21.63 17.44 -13.71
C TYR B 290 23.11 17.38 -14.03
N ASP B 291 23.48 16.73 -15.12
CA ASP B 291 24.88 16.69 -15.55
C ASP B 291 25.40 18.11 -15.73
N GLU B 292 24.57 18.97 -16.30
CA GLU B 292 24.93 20.38 -16.49
C GLU B 292 24.96 21.15 -15.18
N PHE B 293 24.33 20.60 -14.14
CA PHE B 293 24.33 21.22 -12.81
C PHE B 293 25.58 20.78 -12.06
N GLN B 294 25.87 19.48 -12.15
CA GLN B 294 27.07 18.91 -11.54
C GLN B 294 28.30 19.67 -12.04
N GLU B 295 28.44 19.79 -13.36
CA GLU B 295 29.53 20.54 -13.96
C GLU B 295 29.58 22.03 -13.55
N SER B 296 28.50 22.56 -12.98
CA SER B 296 28.40 23.96 -12.52
C SER B 296 28.30 24.94 -13.69
N LYS B 297 27.62 24.53 -14.74
CA LYS B 297 27.25 25.43 -15.81
C LYS B 297 25.95 26.22 -15.47
N CYS B 298 25.33 25.90 -14.32
CA CYS B 298 24.07 26.51 -13.86
C CYS B 298 24.30 27.38 -12.64
N PHE B 299 25.39 28.15 -12.61
CA PHE B 299 25.85 28.78 -11.36
C PHE B 299 26.53 30.13 -11.60
N PRO B 300 26.29 31.14 -10.74
CA PRO B 300 25.45 31.19 -9.53
C PRO B 300 23.97 31.38 -9.89
N CYS B 301 23.15 31.79 -8.92
CA CYS B 301 21.75 32.10 -9.21
C CYS B 301 21.63 33.16 -10.28
N PRO B 302 20.43 33.28 -10.89
CA PRO B 302 20.16 34.41 -11.75
C PRO B 302 20.35 35.76 -11.04
N ALA B 303 20.62 36.79 -11.82
CA ALA B 303 20.69 38.17 -11.33
C ALA B 303 19.66 38.41 -10.24
N GLU B 304 18.38 38.31 -10.65
CA GLU B 304 17.23 38.67 -9.81
C GLU B 304 16.98 37.65 -8.69
N GLY B 305 17.36 36.39 -8.89
CA GLY B 305 17.30 35.36 -7.84
C GLY B 305 16.97 33.96 -8.34
N CYS B 306 17.25 32.97 -7.50
CA CYS B 306 16.77 31.60 -7.71
C CYS B 306 15.37 31.54 -7.15
N PRO B 307 14.56 30.57 -7.59
CA PRO B 307 13.33 30.29 -6.89
C PRO B 307 13.59 29.50 -5.65
N LYS B 308 12.75 29.63 -4.63
CA LYS B 308 12.85 28.80 -3.45
C LYS B 308 11.95 27.59 -3.62
N MET B 309 12.55 26.41 -3.83
CA MET B 309 11.77 25.16 -3.83
C MET B 309 10.95 25.08 -2.55
N GLY B 310 9.78 24.50 -2.69
CA GLY B 310 8.91 24.31 -1.56
C GLY B 310 7.94 25.44 -1.33
N HIS B 311 7.63 25.64 -0.07
CA HIS B 311 6.58 26.56 0.36
C HIS B 311 6.67 27.95 -0.24
N TYR B 312 7.87 28.52 -0.30
CA TYR B 312 8.03 29.90 -0.76
C TYR B 312 8.35 30.02 -2.27
N ALA B 313 8.01 28.98 -3.05
CA ALA B 313 8.17 29.01 -4.51
C ALA B 313 7.29 30.10 -5.14
N ASP B 314 6.23 30.48 -4.43
CA ASP B 314 5.31 31.51 -4.90
C ASP B 314 5.86 32.93 -4.79
N GLN B 315 7.08 33.10 -4.29
CA GLN B 315 7.69 34.44 -4.22
C GLN B 315 8.67 34.66 -5.35
N PHE B 316 8.78 33.69 -6.24
CA PHE B 316 9.69 33.79 -7.35
C PHE B 316 9.08 34.75 -8.37
N LYS B 317 9.75 35.88 -8.63
CA LYS B 317 9.32 36.79 -9.69
C LYS B 317 9.51 36.07 -11.03
N GLY B 318 8.50 36.13 -11.89
CA GLY B 318 8.56 35.41 -13.17
C GLY B 318 8.12 33.95 -13.13
N LYS B 319 7.68 33.47 -11.96
CA LYS B 319 7.25 32.08 -11.79
C LYS B 319 6.26 31.61 -12.88
N THR B 320 5.22 32.36 -13.20
CA THR B 320 4.28 31.94 -14.25
C THR B 320 4.52 32.63 -15.60
N SER B 321 5.73 33.14 -15.81
CA SER B 321 6.04 33.79 -17.08
C SER B 321 6.21 32.76 -18.20
N ALA B 322 6.58 31.52 -17.85
CA ALA B 322 6.59 30.40 -18.81
C ALA B 322 6.36 29.09 -18.10
N VAL B 323 6.28 28.01 -18.86
CA VAL B 323 5.95 26.70 -18.30
C VAL B 323 7.10 25.72 -18.42
N GLU B 324 7.14 24.75 -17.51
CA GLU B 324 8.14 23.68 -17.52
C GLU B 324 9.54 24.20 -17.28
N GLN B 325 9.64 25.27 -16.50
CA GLN B 325 10.93 25.85 -16.20
C GLN B 325 11.65 24.91 -15.24
N THR B 326 12.74 24.33 -15.71
CA THR B 326 13.41 23.27 -15.00
C THR B 326 14.48 23.81 -14.07
N PHE B 327 14.51 23.28 -12.85
CA PHE B 327 15.49 23.66 -11.87
C PHE B 327 16.06 22.42 -11.20
N PHE B 328 17.37 22.47 -10.95
CA PHE B 328 18.06 21.40 -10.23
C PHE B 328 18.76 22.01 -9.05
N LEU B 329 19.02 21.17 -8.05
CA LEU B 329 19.55 21.56 -6.77
C LEU B 329 19.97 20.27 -6.10
N ASN B 330 20.75 20.34 -5.03
CA ASN B 330 21.06 19.18 -4.19
C ASN B 330 20.54 19.45 -2.79
N THR B 331 20.22 18.37 -2.09
CA THR B 331 19.72 18.46 -0.71
C THR B 331 20.56 17.62 0.28
N GLY B 332 20.45 17.96 1.55
CA GLY B 332 21.04 17.13 2.60
C GLY B 332 20.40 15.76 2.60
N GLU B 333 21.04 14.79 3.24
CA GLU B 333 20.57 13.42 3.27
C GLU B 333 19.77 13.11 4.52
N SER B 334 19.79 14.02 5.49
CA SER B 334 18.97 13.85 6.69
C SER B 334 18.64 15.16 7.41
N GLY B 335 17.95 15.03 8.53
CA GLY B 335 17.69 16.16 9.40
C GLY B 335 16.67 17.03 8.73
N GLN B 336 17.02 18.29 8.52
CA GLN B 336 16.11 19.20 7.83
C GLN B 336 16.33 19.22 6.32
N PHE B 337 17.31 18.44 5.85
CA PHE B 337 17.65 18.28 4.44
C PHE B 337 18.15 19.54 3.71
N THR B 338 18.23 20.66 4.39
CA THR B 338 18.61 21.89 3.73
C THR B 338 20.06 21.82 3.20
N SER B 339 20.32 22.46 2.07
CA SER B 339 21.69 22.64 1.57
C SER B 339 21.85 23.94 0.77
N TRP B 340 23.08 24.47 0.77
CA TRP B 340 23.45 25.65 -0.01
C TRP B 340 24.64 25.34 -0.90
N ARG B 341 24.60 25.77 -2.16
CA ARG B 341 25.68 25.49 -3.10
C ARG B 341 26.78 26.57 -3.07
N TYR B 342 28.03 26.14 -3.17
CA TYR B 342 29.19 27.02 -3.30
C TYR B 342 30.12 26.43 -4.31
N LYS B 343 30.81 27.30 -5.04
CA LYS B 343 31.88 26.87 -5.93
C LYS B 343 33.17 27.30 -5.23
N VAL B 344 34.13 26.40 -5.18
CA VAL B 344 35.37 26.62 -4.43
C VAL B 344 36.56 26.37 -5.37
N SER B 345 37.56 27.23 -5.28
CA SER B 345 38.66 27.25 -6.25
C SER B 345 39.96 27.60 -5.56
N VAL B 346 40.95 26.73 -5.69
CA VAL B 346 42.23 26.94 -5.02
C VAL B 346 43.27 27.48 -5.98
N THR B 347 44.45 27.75 -5.46
CA THR B 347 45.65 27.81 -6.29
C THR B 347 46.76 27.30 -5.41
N LEU B 348 47.42 26.23 -5.86
CA LEU B 348 48.40 25.54 -5.03
C LEU B 348 49.74 26.30 -4.92
N SER B 349 50.53 25.94 -3.91
CA SER B 349 51.87 26.50 -3.70
C SER B 349 52.75 25.48 -3.01
N GLY B 350 54.05 25.61 -3.22
CA GLY B 350 55.01 24.63 -2.72
C GLY B 350 56.24 24.62 -3.60
N LYS B 351 57.00 23.53 -3.53
CA LYS B 351 58.22 23.38 -4.34
C LYS B 351 58.46 21.91 -4.79
N GLU B 352 57.43 21.07 -4.72
CA GLU B 352 57.58 19.65 -5.04
C GLU B 352 56.25 19.10 -5.56
N LYS B 353 56.29 18.32 -6.65
CA LYS B 353 55.09 17.64 -7.13
C LYS B 353 54.74 16.53 -6.14
N VAL B 354 53.52 16.57 -5.60
CA VAL B 354 53.12 15.67 -4.51
C VAL B 354 51.81 14.95 -4.83
N ASN B 355 51.68 13.71 -4.33
CA ASN B 355 50.44 12.94 -4.47
C ASN B 355 49.59 12.98 -3.20
N GLY B 356 48.29 13.16 -3.36
CA GLY B 356 47.34 13.16 -2.23
C GLY B 356 46.05 13.95 -2.41
N TYR B 357 45.42 14.26 -1.28
CA TYR B 357 44.11 14.92 -1.21
C TYR B 357 44.20 16.41 -0.87
N ILE B 358 43.26 17.18 -1.41
CA ILE B 358 43.11 18.61 -1.07
C ILE B 358 41.77 18.80 -0.38
N ARG B 359 41.81 19.24 0.87
CA ARG B 359 40.60 19.59 1.58
C ARG B 359 40.54 21.09 1.87
N ILE B 360 39.33 21.57 2.17
CA ILE B 360 39.10 22.99 2.44
C ILE B 360 37.91 23.14 3.38
N ALA B 361 37.92 24.18 4.20
CA ALA B 361 36.85 24.39 5.16
C ALA B 361 36.45 25.85 5.18
N LEU B 362 35.15 26.11 5.23
CA LEU B 362 34.62 27.46 5.23
C LEU B 362 34.31 27.90 6.63
N TYR B 363 34.67 29.13 6.95
CA TYR B 363 34.43 29.69 8.28
C TYR B 363 33.66 30.99 8.14
N GLY B 364 32.53 31.05 8.83
CA GLY B 364 31.59 32.15 8.71
C GLY B 364 31.47 33.04 9.94
N SER B 365 30.34 33.74 10.01
CA SER B 365 30.08 34.69 11.10
C SER B 365 29.94 33.97 12.45
N ASN B 366 28.95 33.07 12.51
CA ASN B 366 28.66 32.25 13.70
C ASN B 366 29.29 30.83 13.61
N GLU B 367 28.98 30.10 12.54
CA GLU B 367 29.38 28.68 12.38
C GLU B 367 30.49 28.51 11.36
N ASN B 368 31.04 27.30 11.30
CA ASN B 368 32.06 26.95 10.31
C ASN B 368 31.84 25.54 9.75
N SER B 369 32.36 25.29 8.56
CA SER B 369 32.00 24.09 7.82
C SER B 369 32.86 22.90 8.13
N LYS B 370 32.31 21.75 7.76
CA LYS B 370 33.05 20.53 7.57
C LYS B 370 34.18 20.81 6.60
N GLN B 371 35.19 19.95 6.61
CA GLN B 371 36.26 20.03 5.64
C GLN B 371 35.81 19.28 4.38
N TYR B 372 35.91 19.93 3.23
CA TYR B 372 35.43 19.37 1.97
C TYR B 372 36.59 18.98 1.05
N GLU B 373 36.61 17.74 0.58
CA GLU B 373 37.65 17.29 -0.35
C GLU B 373 37.51 17.98 -1.71
N ILE B 374 38.46 18.81 -2.09
CA ILE B 374 38.39 19.58 -3.33
C ILE B 374 39.06 18.89 -4.54
N PHE B 375 40.07 18.04 -4.30
CA PHE B 375 40.79 17.39 -5.41
C PHE B 375 41.62 16.17 -4.95
N LYS B 376 41.78 15.19 -5.86
CA LYS B 376 42.55 13.95 -5.61
C LYS B 376 43.61 13.75 -6.69
N GLY B 377 44.53 12.84 -6.43
CA GLY B 377 45.58 12.49 -7.37
C GLY B 377 46.85 13.31 -7.19
N SER B 378 47.14 14.16 -8.17
CA SER B 378 48.42 14.88 -8.24
C SER B 378 48.23 16.34 -7.87
N LEU B 379 49.10 16.84 -7.00
CA LEU B 379 49.05 18.22 -6.55
C LEU B 379 50.33 18.91 -6.98
N LYS B 380 50.33 19.40 -8.22
CA LYS B 380 51.44 20.20 -8.72
C LYS B 380 51.32 21.59 -8.10
N PRO B 381 52.42 22.12 -7.57
CA PRO B 381 52.41 23.55 -7.26
C PRO B 381 51.97 24.41 -8.45
N ASP B 382 51.38 25.57 -8.15
CA ASP B 382 50.87 26.51 -9.17
C ASP B 382 49.65 26.03 -9.94
N ALA B 383 49.14 24.85 -9.61
CA ALA B 383 47.89 24.37 -10.17
C ALA B 383 46.74 25.21 -9.63
N SER B 384 45.54 24.88 -10.06
CA SER B 384 44.32 25.46 -9.48
C SER B 384 43.14 24.60 -9.85
N HIS B 385 42.33 24.26 -8.85
CA HIS B 385 41.31 23.23 -9.01
C HIS B 385 39.99 23.75 -8.47
N THR B 386 38.92 23.52 -9.23
CA THR B 386 37.60 24.00 -8.89
C THR B 386 36.70 22.81 -8.64
N CYS B 387 35.63 23.03 -7.88
CA CYS B 387 34.74 21.94 -7.51
C CYS B 387 33.63 22.49 -6.61
N ALA B 388 32.39 22.09 -6.87
CA ALA B 388 31.23 22.63 -6.15
C ALA B 388 30.91 21.81 -4.93
N ILE B 389 30.50 22.48 -3.87
CA ILE B 389 30.29 21.80 -2.59
C ILE B 389 28.90 22.11 -2.01
N ASP B 390 28.27 21.10 -1.43
CA ASP B 390 26.98 21.30 -0.83
C ASP B 390 27.16 21.41 0.66
N VAL B 391 26.99 22.62 1.18
CA VAL B 391 27.14 22.90 2.60
C VAL B 391 25.77 22.77 3.26
N ASP B 392 25.73 22.12 4.42
CA ASP B 392 24.45 21.74 5.06
C ASP B 392 23.77 22.85 5.89
N PHE B 393 24.42 24.00 6.05
CA PHE B 393 23.83 25.16 6.74
C PHE B 393 24.28 26.42 6.01
N ASN B 394 23.63 27.55 6.27
CA ASN B 394 24.04 28.80 5.61
C ASN B 394 25.14 29.55 6.40
N VAL B 395 26.31 29.65 5.77
CA VAL B 395 27.53 30.20 6.38
C VAL B 395 27.47 31.72 6.54
N GLY B 396 26.84 32.38 5.57
CA GLY B 396 26.80 33.84 5.52
C GLY B 396 28.08 34.44 5.00
N LYS B 397 28.38 35.67 5.41
CA LYS B 397 29.64 36.30 5.04
C LYS B 397 30.74 35.39 5.55
N ILE B 398 31.53 34.88 4.60
CA ILE B 398 32.68 34.04 4.89
C ILE B 398 33.87 34.88 5.39
N GLN B 399 34.17 34.74 6.69
CA GLN B 399 35.22 35.52 7.34
C GLN B 399 36.58 34.94 6.96
N LYS B 400 36.70 33.62 7.09
CA LYS B 400 37.98 32.92 6.93
C LYS B 400 37.76 31.64 6.12
N VAL B 401 38.83 31.13 5.53
CA VAL B 401 38.87 29.82 4.88
C VAL B 401 40.11 29.11 5.39
N LYS B 402 40.08 27.79 5.46
CA LYS B 402 41.27 27.02 5.83
C LYS B 402 41.54 25.92 4.84
N PHE B 403 42.80 25.53 4.71
CA PHE B 403 43.25 24.62 3.66
C PHE B 403 44.04 23.49 4.28
N LEU B 404 43.94 22.30 3.70
CA LEU B 404 44.58 21.13 4.29
C LEU B 404 44.76 19.99 3.28
N TRP B 405 45.86 19.26 3.42
CA TRP B 405 46.19 18.13 2.52
C TRP B 405 46.94 17.00 3.21
N ASN B 406 46.95 15.80 2.59
CA ASN B 406 47.80 14.69 3.09
C ASN B 406 48.44 13.77 2.05
N LYS B 407 49.66 13.31 2.37
CA LYS B 407 50.35 12.23 1.63
C LYS B 407 49.39 11.06 1.43
N ARG B 408 49.39 10.49 0.22
CA ARG B 408 48.59 9.28 -0.07
C ARG B 408 49.07 8.47 -1.28
N GLY B 409 50.06 8.98 -2.00
CA GLY B 409 50.72 8.22 -3.07
C GLY B 409 52.18 8.06 -2.72
N ILE B 410 52.88 9.19 -2.68
CA ILE B 410 54.29 9.21 -2.35
C ILE B 410 54.43 9.56 -0.86
N ASN B 411 55.54 9.14 -0.25
CA ASN B 411 55.96 9.56 1.10
C ASN B 411 57.39 10.09 1.00
N LEU B 412 57.54 11.31 0.49
CA LEU B 412 58.85 11.95 0.36
C LEU B 412 59.46 12.23 1.76
N SER B 413 58.57 12.44 2.73
CA SER B 413 58.86 12.60 4.20
C SER B 413 58.95 14.06 4.75
N GLU B 414 59.55 14.98 3.98
CA GLU B 414 59.70 16.40 4.39
C GLU B 414 58.63 17.44 3.94
N PRO B 415 57.69 17.05 3.04
CA PRO B 415 57.14 18.02 2.08
C PRO B 415 56.10 19.02 2.63
N LYS B 416 55.98 20.15 1.93
CA LYS B 416 55.28 21.34 2.42
C LYS B 416 54.42 22.01 1.32
N LEU B 417 53.15 21.63 1.22
CA LEU B 417 52.20 22.19 0.24
C LEU B 417 51.25 23.20 0.89
N GLY B 418 50.86 24.21 0.11
CA GLY B 418 49.94 25.24 0.60
C GLY B 418 48.92 25.66 -0.44
N ALA B 419 48.17 26.72 -0.15
CA ALA B 419 47.23 27.29 -1.08
C ALA B 419 47.48 28.80 -1.11
N SER B 420 47.96 29.30 -2.24
CA SER B 420 48.29 30.72 -2.38
C SER B 420 47.05 31.60 -2.51
N GLN B 421 45.99 31.06 -3.13
CA GLN B 421 44.72 31.76 -3.38
C GLN B 421 43.55 30.79 -3.25
N ILE B 422 42.52 31.20 -2.52
CA ILE B 422 41.25 30.48 -2.52
C ILE B 422 40.12 31.46 -2.85
N THR B 423 39.17 30.99 -3.65
CA THR B 423 37.95 31.74 -3.90
C THR B 423 36.71 30.87 -3.76
N VAL B 424 35.76 31.39 -3.00
CA VAL B 424 34.54 30.68 -2.67
C VAL B 424 33.37 31.55 -3.08
N GLN B 425 32.69 31.16 -4.15
CA GLN B 425 31.51 31.88 -4.61
C GLN B 425 30.23 31.24 -4.05
N SER B 426 29.31 32.11 -3.62
CA SER B 426 28.01 31.69 -3.09
C SER B 426 26.97 31.61 -4.18
N GLY B 427 26.34 30.46 -4.35
CA GLY B 427 25.29 30.32 -5.34
C GLY B 427 24.15 31.30 -5.12
N GLU B 428 23.74 31.43 -3.86
CA GLU B 428 22.54 32.18 -3.50
C GLU B 428 22.56 33.58 -4.09
N ASP B 429 23.60 34.32 -3.77
CA ASP B 429 23.69 35.71 -4.17
C ASP B 429 24.96 35.99 -4.98
N GLY B 430 25.56 34.96 -5.55
CA GLY B 430 26.67 35.11 -6.52
C GLY B 430 27.98 35.70 -6.00
N THR B 431 27.95 36.24 -4.78
CA THR B 431 29.09 36.95 -4.21
C THR B 431 30.32 36.06 -4.20
N GLU B 432 31.45 36.59 -4.67
CA GLU B 432 32.75 35.90 -4.61
C GLU B 432 33.48 36.39 -3.39
N TYR B 433 34.23 35.48 -2.76
CA TYR B 433 35.04 35.77 -1.55
C TYR B 433 36.50 35.35 -1.78
N ASN B 434 37.40 36.32 -1.68
CA ASN B 434 38.81 36.08 -1.95
C ASN B 434 39.63 35.84 -0.70
N PHE B 435 40.55 34.88 -0.79
CA PHE B 435 41.40 34.50 0.35
C PHE B 435 42.85 34.22 -0.04
N CYS B 436 43.76 34.62 0.85
CA CYS B 436 45.18 34.79 0.51
C CYS B 436 46.13 34.23 1.58
N SER B 437 47.27 33.66 1.13
CA SER B 437 48.32 33.16 2.01
C SER B 437 49.63 32.91 1.27
N SER B 438 50.70 33.55 1.72
CA SER B 438 52.04 33.22 1.24
C SER B 438 52.55 31.88 1.78
N ASP B 439 51.90 31.31 2.79
CA ASP B 439 52.43 30.12 3.44
C ASP B 439 52.34 28.85 2.63
N THR B 440 53.04 27.84 3.14
CA THR B 440 52.89 26.43 2.77
C THR B 440 53.13 25.60 4.04
N VAL B 441 52.40 24.50 4.19
CA VAL B 441 52.42 23.70 5.40
C VAL B 441 52.66 22.25 5.13
N GLU B 442 53.01 21.51 6.17
CA GLU B 442 53.10 20.07 6.10
C GLU B 442 51.71 19.50 6.03
N GLU B 443 51.64 18.18 5.95
CA GLU B 443 50.36 17.50 5.79
C GLU B 443 49.52 17.61 7.08
N ASN B 444 48.20 17.42 6.97
CA ASN B 444 47.24 17.59 8.10
C ASN B 444 47.50 18.81 8.99
N VAL B 445 47.83 19.95 8.37
CA VAL B 445 48.01 21.21 9.10
C VAL B 445 47.07 22.23 8.48
N LEU B 446 46.07 22.67 9.25
CA LEU B 446 45.13 23.66 8.77
C LEU B 446 45.86 24.98 8.52
N GLN B 447 45.87 25.39 7.25
CA GLN B 447 46.53 26.63 6.81
C GLN B 447 45.47 27.69 6.61
N SER B 448 45.49 28.73 7.43
CA SER B 448 44.51 29.81 7.29
C SER B 448 44.90 30.75 6.16
N LEU B 449 43.99 30.91 5.20
CA LEU B 449 44.07 31.99 4.22
C LEU B 449 43.19 33.15 4.70
N TYR B 450 43.55 34.38 4.31
CA TYR B 450 42.88 35.59 4.80
C TYR B 450 42.25 36.44 3.68
N PRO B 451 41.21 37.23 4.02
CA PRO B 451 40.57 38.10 3.03
C PRO B 451 41.51 39.13 2.41
N CYS B 452 41.14 39.59 1.21
CA CYS B 452 42.02 40.43 0.39
C CYS B 452 41.26 41.09 -0.76
S SO4 C . -1.01 5.16 12.59
O1 SO4 C . -0.53 6.19 11.68
O2 SO4 C . -1.87 5.78 13.60
O3 SO4 C . -1.83 4.13 11.93
O4 SO4 C . 0.20 4.62 13.21
S SO4 D . 4.74 5.42 9.40
O1 SO4 D . 4.30 4.35 8.53
O2 SO4 D . 5.82 6.18 8.77
O3 SO4 D . 3.61 6.30 9.69
O4 SO4 D . 5.20 4.74 10.61
S SO4 E . -9.26 3.47 9.78
O1 SO4 E . -10.19 2.98 8.75
O2 SO4 E . -7.98 3.90 9.19
O3 SO4 E . -9.84 4.58 10.51
O4 SO4 E . -9.07 2.36 10.70
S SO4 F . -14.86 -3.42 25.84
O1 SO4 F . -16.19 -3.73 25.30
O2 SO4 F . -13.89 -4.21 25.10
O3 SO4 F . -14.58 -1.99 25.75
O4 SO4 F . -14.79 -3.83 27.24
S SO4 G . -6.21 -36.29 13.12
O1 SO4 G . -7.65 -36.40 12.92
O2 SO4 G . -5.52 -36.25 11.83
O3 SO4 G . -5.86 -35.09 13.90
O4 SO4 G . -5.79 -37.47 13.86
CA CA H . 8.58 -22.88 7.17
S SO4 I . -11.09 -0.26 4.36
O1 SO4 I . -12.51 0.00 4.20
O2 SO4 I . -10.75 -1.58 3.83
O3 SO4 I . -10.32 0.77 3.65
O4 SO4 I . -10.79 -0.20 5.77
S SO4 J . -6.08 21.44 19.73
O1 SO4 J . -7.44 21.48 20.30
O2 SO4 J . -6.09 20.45 18.68
O3 SO4 J . -5.70 22.73 19.19
O4 SO4 J . -5.06 21.03 20.70
S SO4 K . 4.94 36.20 -12.14
O1 SO4 K . 4.09 37.33 -12.48
O2 SO4 K . 5.40 35.53 -13.37
O3 SO4 K . 6.07 36.72 -11.36
O4 SO4 K . 4.16 35.27 -11.32
CA CA L . -5.01 18.81 -15.84
#